data_3PQE
#
_entry.id   3PQE
#
_cell.length_a   133.407
_cell.length_b   133.407
_cell.length_c   99.335
_cell.angle_alpha   90.00
_cell.angle_beta   90.00
_cell.angle_gamma   120.00
#
_symmetry.space_group_name_H-M   'P 31'
#
loop_
_entity.id
_entity.type
_entity.pdbx_description
1 polymer 'L-lactate dehydrogenase'
2 water water
#
_entity_poly.entity_id   1
_entity_poly.type   'polypeptide(L)'
_entity_poly.pdbx_seq_one_letter_code
;MNKHVNKVALIGAGFVGSSYAFALINQGITDELVVIDVNKEKAMGDVMDLNHGKAFAPQPVKTSYGTYEDCKDADIVCIC
AGANQKPGETRLELVEKNLKIFKGIVSEVMASGFDGIFLVATNPVDILTYATWKFSGLPKERVIGSGTTLDSARFRFMLS
EYFGAAPQNVCAHIIGEHGDTELPVWSHANVGGVPVSELVEKNDAYKQEELDQIVDDVKNAAYHIIEKKGATYYGVAMSL
ARITKAILHNENSILTVSTYLDGQYGADDVYIGVPAVVNRGGIAGITELNLNEKEKEQFLHSAGVLKNILKPHFAEQKVN
HHHHHH
;
_entity_poly.pdbx_strand_id   A,B,C,D
#
# COMPACT_ATOMS: atom_id res chain seq x y z
N ASN A 2 11.50 0.80 22.14
CA ASN A 2 11.87 1.51 20.90
C ASN A 2 10.79 2.50 20.43
N LYS A 3 11.18 3.77 20.28
CA LYS A 3 10.21 4.87 20.11
C LYS A 3 9.61 5.05 18.70
N HIS A 4 10.46 5.20 17.69
CA HIS A 4 9.99 5.33 16.31
C HIS A 4 10.12 4.01 15.56
N VAL A 5 10.59 2.97 16.24
CA VAL A 5 11.02 1.73 15.57
C VAL A 5 10.36 0.49 16.15
N ASN A 6 9.75 -0.33 15.30
CA ASN A 6 9.21 -1.63 15.70
C ASN A 6 10.23 -2.75 15.59
N LYS A 7 10.28 -3.63 16.58
CA LYS A 7 11.25 -4.71 16.57
C LYS A 7 10.62 -6.03 16.95
N VAL A 8 10.89 -7.07 16.16
CA VAL A 8 10.42 -8.41 16.46
C VAL A 8 11.61 -9.33 16.75
N ALA A 9 11.50 -10.14 17.81
CA ALA A 9 12.49 -11.18 18.10
C ALA A 9 11.85 -12.53 17.79
N LEU A 10 12.47 -13.32 16.94
CA LEU A 10 11.95 -14.63 16.60
C LEU A 10 12.80 -15.69 17.30
N ILE A 11 12.16 -16.59 18.05
CA ILE A 11 12.91 -17.67 18.65
C ILE A 11 12.55 -19.00 18.01
N GLY A 12 13.52 -19.55 17.28
CA GLY A 12 13.35 -20.78 16.53
C GLY A 12 13.32 -20.50 15.03
N ALA A 13 14.38 -20.88 14.33
CA ALA A 13 14.47 -20.55 12.90
C ALA A 13 14.26 -21.79 12.01
N GLY A 14 13.27 -22.60 12.32
CA GLY A 14 12.88 -23.69 11.45
C GLY A 14 12.07 -23.19 10.26
N PHE A 15 11.36 -24.10 9.59
CA PHE A 15 10.53 -23.73 8.45
C PHE A 15 9.43 -22.73 8.82
N VAL A 16 8.79 -22.90 9.97
CA VAL A 16 7.80 -21.94 10.39
C VAL A 16 8.45 -20.57 10.60
N GLY A 17 9.47 -20.51 11.46
CA GLY A 17 10.08 -19.24 11.82
C GLY A 17 10.67 -18.46 10.67
N SER A 18 11.44 -19.13 9.82
CA SER A 18 12.00 -18.52 8.60
C SER A 18 10.96 -17.99 7.62
N SER A 19 9.88 -18.75 7.40
CA SER A 19 8.80 -18.32 6.52
C SER A 19 8.09 -17.11 7.11
N TYR A 20 7.94 -17.11 8.43
CA TYR A 20 7.38 -15.97 9.15
C TYR A 20 8.27 -14.74 8.94
N ALA A 21 9.56 -14.91 9.18
CA ALA A 21 10.51 -13.84 8.89
C ALA A 21 10.33 -13.34 7.43
N PHE A 22 10.31 -14.26 6.48
CA PHE A 22 10.17 -13.89 5.06
C PHE A 22 8.88 -13.11 4.81
N ALA A 23 7.79 -13.58 5.40
CA ALA A 23 6.51 -12.87 5.32
C ALA A 23 6.54 -11.45 5.88
N LEU A 24 7.17 -11.27 7.05
CA LEU A 24 7.24 -9.94 7.66
C LEU A 24 7.98 -9.01 6.72
N ILE A 25 9.07 -9.50 6.16
CA ILE A 25 9.91 -8.72 5.27
C ILE A 25 9.17 -8.38 3.96
N ASN A 26 8.49 -9.37 3.39
CA ASN A 26 7.72 -9.15 2.17
C ASN A 26 6.54 -8.20 2.32
N GLN A 27 5.96 -8.15 3.52
CA GLN A 27 4.79 -7.31 3.78
C GLN A 27 5.12 -5.96 4.39
N GLY A 28 6.36 -5.78 4.82
CA GLY A 28 6.75 -4.52 5.41
C GLY A 28 6.20 -4.28 6.81
N ILE A 29 6.07 -5.35 7.58
CA ILE A 29 5.37 -5.26 8.87
C ILE A 29 6.22 -4.70 9.99
N THR A 30 7.52 -4.98 10.00
CA THR A 30 8.34 -4.55 11.13
C THR A 30 9.57 -3.79 10.64
N ASP A 31 10.16 -2.94 11.48
CA ASP A 31 11.41 -2.27 11.14
C ASP A 31 12.62 -3.15 11.42
N GLU A 32 12.57 -3.93 12.50
CA GLU A 32 13.70 -4.81 12.85
C GLU A 32 13.27 -6.21 13.23
N LEU A 33 14.08 -7.18 12.85
CA LEU A 33 13.89 -8.56 13.21
C LEU A 33 15.21 -9.11 13.75
N VAL A 34 15.18 -9.73 14.94
CA VAL A 34 16.34 -10.50 15.38
C VAL A 34 15.95 -11.97 15.42
N VAL A 35 16.82 -12.83 14.89
CA VAL A 35 16.57 -14.24 14.84
C VAL A 35 17.47 -14.93 15.88
N ILE A 36 16.88 -15.79 16.69
CA ILE A 36 17.55 -16.43 17.80
C ILE A 36 17.40 -17.94 17.69
N ASP A 37 18.51 -18.66 17.63
CA ASP A 37 18.47 -20.12 17.46
C ASP A 37 19.86 -20.68 17.67
N VAL A 38 20.00 -21.65 18.59
CA VAL A 38 21.31 -22.27 18.88
C VAL A 38 21.97 -22.93 17.66
N ASN A 39 21.16 -23.30 16.67
CA ASN A 39 21.68 -23.83 15.41
C ASN A 39 22.25 -22.68 14.57
N LYS A 40 23.50 -22.38 14.78
CA LYS A 40 24.10 -21.12 14.35
C LYS A 40 24.25 -21.04 12.83
N GLU A 41 24.75 -22.10 12.22
CA GLU A 41 25.07 -22.07 10.80
C GLU A 41 23.82 -21.84 9.95
N LYS A 42 22.81 -22.66 10.21
CA LYS A 42 21.54 -22.56 9.53
C LYS A 42 20.87 -21.21 9.79
N ALA A 43 20.85 -20.78 11.05
CA ALA A 43 20.20 -19.52 11.36
C ALA A 43 20.93 -18.30 10.80
N MET A 44 22.26 -18.25 10.92
CA MET A 44 22.99 -17.11 10.34
C MET A 44 22.85 -17.13 8.82
N GLY A 45 22.91 -18.33 8.25
CA GLY A 45 22.63 -18.53 6.84
C GLY A 45 21.30 -17.92 6.42
N ASP A 46 20.23 -18.26 7.14
CA ASP A 46 18.91 -17.70 6.83
C ASP A 46 18.93 -16.20 6.95
N VAL A 47 19.54 -15.68 8.01
CA VAL A 47 19.64 -14.24 8.21
C VAL A 47 20.38 -13.57 7.04
N MET A 48 21.52 -14.12 6.65
CA MET A 48 22.27 -13.57 5.53
C MET A 48 21.43 -13.65 4.23
N ASP A 49 20.72 -14.77 4.05
CA ASP A 49 19.86 -14.95 2.88
C ASP A 49 18.72 -13.92 2.82
N LEU A 50 18.07 -13.70 3.97
CA LEU A 50 17.01 -12.71 4.08
C LEU A 50 17.53 -11.29 3.86
N ASN A 51 18.76 -11.01 4.30
CA ASN A 51 19.36 -9.69 4.05
C ASN A 51 19.82 -9.49 2.60
N HIS A 52 20.15 -10.60 1.95
CA HIS A 52 20.64 -10.58 0.58
C HIS A 52 19.70 -9.81 -0.35
N GLY A 53 18.40 -10.01 -0.17
CA GLY A 53 17.41 -9.37 -1.03
C GLY A 53 16.61 -8.25 -0.39
N LYS A 54 17.17 -7.64 0.66
CA LYS A 54 16.43 -6.64 1.43
C LYS A 54 16.09 -5.42 0.58
N ALA A 55 16.96 -5.09 -0.39
CA ALA A 55 16.74 -3.93 -1.24
C ALA A 55 15.41 -3.98 -1.98
N PHE A 56 14.91 -5.17 -2.25
CA PHE A 56 13.67 -5.32 -2.97
C PHE A 56 12.41 -5.22 -2.11
N ALA A 57 12.56 -5.23 -0.78
CA ALA A 57 11.41 -5.18 0.11
C ALA A 57 10.81 -3.78 0.09
N PRO A 58 9.49 -3.67 0.30
CA PRO A 58 8.80 -2.38 0.22
C PRO A 58 9.29 -1.36 1.26
N GLN A 59 9.76 -1.85 2.41
CA GLN A 59 10.29 -0.98 3.44
C GLN A 59 11.64 -1.51 3.94
N PRO A 60 12.48 -0.62 4.46
CA PRO A 60 13.79 -1.02 4.97
C PRO A 60 13.64 -1.97 6.16
N VAL A 61 14.28 -3.12 6.14
CA VAL A 61 14.15 -4.03 7.27
C VAL A 61 15.49 -4.58 7.75
N LYS A 62 15.84 -4.24 8.98
CA LYS A 62 17.13 -4.65 9.51
C LYS A 62 17.00 -6.04 10.14
N THR A 63 17.66 -7.03 9.54
CA THR A 63 17.60 -8.38 10.06
C THR A 63 18.96 -8.82 10.62
N SER A 64 18.93 -9.43 11.81
CA SER A 64 20.17 -9.86 12.44
C SER A 64 20.01 -11.16 13.22
N TYR A 65 21.17 -11.77 13.51
CA TYR A 65 21.26 -12.97 14.30
C TYR A 65 21.72 -12.60 15.72
N GLY A 66 21.02 -13.10 16.73
CA GLY A 66 21.34 -12.73 18.10
C GLY A 66 20.92 -13.79 19.09
N THR A 67 20.89 -13.43 20.37
CA THR A 67 20.41 -14.34 21.39
C THR A 67 19.49 -13.60 22.35
N TYR A 68 19.21 -14.20 23.49
CA TYR A 68 18.20 -13.62 24.39
C TYR A 68 18.45 -12.17 24.77
N GLU A 69 19.71 -11.79 24.96
CA GLU A 69 20.01 -10.40 25.38
C GLU A 69 19.45 -9.41 24.36
N ASP A 70 19.31 -9.87 23.12
CA ASP A 70 18.86 -8.98 22.05
C ASP A 70 17.33 -8.81 22.05
N CYS A 71 16.65 -9.45 23.00
CA CYS A 71 15.21 -9.25 23.18
C CYS A 71 14.87 -8.02 24.02
N LYS A 72 15.89 -7.39 24.62
CA LYS A 72 15.62 -6.33 25.59
C LYS A 72 14.63 -5.29 25.08
N ASP A 73 14.85 -4.83 23.85
CA ASP A 73 14.01 -3.77 23.30
C ASP A 73 13.03 -4.27 22.22
N ALA A 74 12.78 -5.57 22.19
CA ALA A 74 11.77 -6.12 21.29
C ALA A 74 10.36 -5.76 21.73
N ASP A 75 9.52 -5.42 20.75
CA ASP A 75 8.10 -5.20 21.00
C ASP A 75 7.40 -6.55 21.12
N ILE A 76 7.88 -7.51 20.34
CA ILE A 76 7.25 -8.80 20.29
C ILE A 76 8.32 -9.85 20.31
N VAL A 77 8.10 -10.90 21.09
CA VAL A 77 8.90 -12.11 20.98
C VAL A 77 7.99 -13.21 20.48
N CYS A 78 8.33 -13.79 19.34
CA CYS A 78 7.48 -14.82 18.73
C CYS A 78 8.20 -16.13 18.89
N ILE A 79 7.55 -17.13 19.48
CA ILE A 79 8.25 -18.38 19.77
C ILE A 79 7.72 -19.49 18.89
N CYS A 80 8.57 -20.03 18.03
CA CYS A 80 8.24 -21.13 17.13
C CYS A 80 9.06 -22.36 17.48
N ALA A 81 9.97 -22.22 18.44
CA ALA A 81 10.84 -23.31 18.86
C ALA A 81 10.09 -24.38 19.62
N GLY A 82 10.63 -25.60 19.58
CA GLY A 82 10.10 -26.68 20.37
C GLY A 82 10.21 -27.96 19.59
N ALA A 83 9.89 -29.09 20.23
CA ALA A 83 9.78 -30.34 19.47
C ALA A 83 8.39 -30.45 18.84
N ASN A 84 8.30 -31.30 17.82
CA ASN A 84 7.03 -31.64 17.19
C ASN A 84 6.61 -33.07 17.56
N GLN A 85 5.29 -33.29 17.63
CA GLN A 85 4.74 -34.55 18.13
C GLN A 85 5.22 -35.71 17.25
N LYS A 86 5.91 -36.68 17.84
CA LYS A 86 6.36 -37.87 17.10
C LYS A 86 5.26 -38.92 17.05
N PRO A 87 5.23 -39.72 15.99
CA PRO A 87 4.19 -40.74 15.85
C PRO A 87 4.18 -41.68 17.05
N GLY A 88 2.99 -41.98 17.57
CA GLY A 88 2.87 -42.86 18.71
C GLY A 88 3.01 -42.15 20.05
N GLU A 89 3.56 -40.94 20.01
CA GLU A 89 3.71 -40.13 21.21
C GLU A 89 2.38 -39.43 21.49
N THR A 90 1.99 -39.30 22.76
CA THR A 90 0.74 -38.62 23.07
C THR A 90 1.03 -37.13 23.20
N ARG A 91 -0.02 -36.31 23.25
CA ARG A 91 0.18 -34.89 23.43
C ARG A 91 0.72 -34.57 24.81
N LEU A 92 0.31 -35.30 25.83
CA LEU A 92 0.87 -35.03 27.15
C LEU A 92 2.39 -35.28 27.17
N GLU A 93 2.84 -36.29 26.44
CA GLU A 93 4.28 -36.56 26.31
C GLU A 93 5.01 -35.45 25.56
N LEU A 94 4.40 -34.93 24.50
CA LEU A 94 5.00 -33.79 23.79
C LEU A 94 5.03 -32.58 24.71
N VAL A 95 3.94 -32.36 25.45
CA VAL A 95 3.86 -31.19 26.32
C VAL A 95 4.94 -31.19 27.41
N GLU A 96 5.23 -32.38 27.95
CA GLU A 96 6.30 -32.49 28.95
C GLU A 96 7.64 -31.97 28.36
N LYS A 97 7.95 -32.34 27.12
CA LYS A 97 9.19 -31.88 26.50
C LYS A 97 9.17 -30.37 26.20
N ASN A 98 8.06 -29.89 25.66
CA ASN A 98 8.01 -28.50 25.27
C ASN A 98 7.94 -27.55 26.46
N LEU A 99 7.35 -27.99 27.57
CA LEU A 99 7.31 -27.13 28.77
C LEU A 99 8.71 -26.89 29.30
N LYS A 100 9.54 -27.92 29.25
CA LYS A 100 10.92 -27.78 29.70
C LYS A 100 11.67 -26.79 28.80
N ILE A 101 11.48 -26.91 27.50
CA ILE A 101 12.07 -25.98 26.55
C ILE A 101 11.54 -24.55 26.79
N PHE A 102 10.24 -24.41 26.96
CA PHE A 102 9.68 -23.07 27.17
C PHE A 102 10.12 -22.46 28.48
N LYS A 103 10.32 -23.31 29.49
CA LYS A 103 10.76 -22.80 30.78
C LYS A 103 12.10 -22.08 30.65
N GLY A 104 13.06 -22.70 29.97
CA GLY A 104 14.34 -22.05 29.73
C GLY A 104 14.20 -20.82 28.82
N ILE A 105 13.46 -20.94 27.72
CA ILE A 105 13.35 -19.80 26.82
C ILE A 105 12.71 -18.59 27.50
N VAL A 106 11.58 -18.81 28.17
CA VAL A 106 10.86 -17.67 28.74
C VAL A 106 11.64 -17.02 29.89
N SER A 107 12.27 -17.82 30.75
CA SER A 107 13.05 -17.19 31.83
C SER A 107 14.26 -16.41 31.30
N GLU A 108 14.93 -16.91 30.27
CA GLU A 108 16.02 -16.14 29.66
C GLU A 108 15.52 -14.86 29.01
N VAL A 109 14.39 -14.93 28.31
CA VAL A 109 13.83 -13.73 27.68
C VAL A 109 13.50 -12.70 28.75
N MET A 110 12.82 -13.12 29.82
CA MET A 110 12.43 -12.18 30.87
C MET A 110 13.66 -11.54 31.53
N ALA A 111 14.72 -12.33 31.69
CA ALA A 111 15.95 -11.84 32.33
C ALA A 111 16.74 -10.89 31.42
N SER A 112 16.37 -10.77 30.14
CA SER A 112 17.06 -9.83 29.25
C SER A 112 16.58 -8.39 29.47
N GLY A 113 15.50 -8.24 30.21
CA GLY A 113 14.87 -6.93 30.33
C GLY A 113 13.66 -6.74 29.42
N PHE A 114 13.34 -7.73 28.58
CA PHE A 114 12.15 -7.70 27.70
C PHE A 114 10.88 -7.28 28.42
N ASP A 115 10.11 -6.39 27.80
CA ASP A 115 8.87 -5.93 28.42
C ASP A 115 7.81 -5.70 27.32
N GLY A 116 7.70 -6.67 26.41
CA GLY A 116 6.79 -6.54 25.30
C GLY A 116 5.66 -7.54 25.35
N ILE A 117 5.30 -8.08 24.18
CA ILE A 117 4.24 -9.06 24.08
C ILE A 117 4.84 -10.37 23.57
N PHE A 118 4.40 -11.50 24.11
CA PHE A 118 4.77 -12.82 23.59
C PHE A 118 3.72 -13.29 22.58
N LEU A 119 4.19 -13.81 21.45
CA LEU A 119 3.35 -14.45 20.46
C LEU A 119 3.79 -15.91 20.34
N VAL A 120 2.92 -16.84 20.70
CA VAL A 120 3.32 -18.24 20.77
C VAL A 120 2.77 -19.04 19.60
N ALA A 121 3.65 -19.76 18.89
CA ALA A 121 3.20 -20.58 17.75
C ALA A 121 3.41 -22.10 17.93
N THR A 122 4.26 -22.49 18.86
CA THR A 122 4.58 -23.91 19.03
C THR A 122 3.38 -24.76 19.49
N ASN A 123 3.22 -25.95 18.91
CA ASN A 123 2.14 -26.89 19.29
C ASN A 123 2.40 -27.63 20.61
N PRO A 124 1.33 -27.93 21.39
CA PRO A 124 -0.06 -27.46 21.26
C PRO A 124 -0.16 -26.02 21.74
N VAL A 125 -0.53 -25.13 20.85
CA VAL A 125 -0.35 -23.71 21.08
C VAL A 125 -1.09 -23.15 22.31
N ASP A 126 -2.31 -23.61 22.56
CA ASP A 126 -3.08 -23.09 23.70
C ASP A 126 -2.41 -23.46 25.02
N ILE A 127 -1.90 -24.68 25.10
CA ILE A 127 -1.18 -25.14 26.28
C ILE A 127 0.08 -24.31 26.51
N LEU A 128 0.88 -24.13 25.46
CA LEU A 128 2.16 -23.42 25.59
C LEU A 128 1.97 -21.92 25.81
N THR A 129 0.84 -21.39 25.35
CA THR A 129 0.50 -20.00 25.64
C THR A 129 0.23 -19.83 27.14
N TYR A 130 -0.57 -20.73 27.70
CA TYR A 130 -0.85 -20.75 29.14
C TYR A 130 0.47 -20.86 29.95
N ALA A 131 1.34 -21.79 29.54
CA ALA A 131 2.66 -21.94 30.17
C ALA A 131 3.51 -20.68 30.08
N THR A 132 3.51 -20.05 28.92
CA THR A 132 4.28 -18.83 28.75
C THR A 132 3.78 -17.72 29.68
N TRP A 133 2.47 -17.70 29.92
CA TRP A 133 1.88 -16.74 30.82
C TRP A 133 2.38 -17.04 32.25
N LYS A 134 2.26 -18.28 32.68
CA LYS A 134 2.71 -18.68 34.02
C LYS A 134 4.21 -18.41 34.20
N PHE A 135 5.01 -18.84 33.22
CA PHE A 135 6.48 -18.69 33.31
C PHE A 135 6.94 -17.23 33.30
N SER A 136 6.21 -16.38 32.58
CA SER A 136 6.68 -15.02 32.37
C SER A 136 6.32 -14.07 33.53
N GLY A 137 5.20 -14.34 34.19
CA GLY A 137 4.69 -13.41 35.20
C GLY A 137 4.08 -12.14 34.59
N LEU A 138 3.97 -12.09 33.25
CA LEU A 138 3.33 -10.97 32.59
C LEU A 138 1.79 -10.96 32.72
N PRO A 139 1.17 -9.79 32.53
CA PRO A 139 -0.30 -9.74 32.44
C PRO A 139 -0.78 -10.66 31.30
N LYS A 140 -1.92 -11.30 31.52
CA LYS A 140 -2.47 -12.25 30.61
C LYS A 140 -2.79 -11.66 29.22
N GLU A 141 -3.02 -10.33 29.18
CA GLU A 141 -3.29 -9.62 27.94
C GLU A 141 -2.07 -9.53 27.06
N ARG A 142 -0.89 -9.78 27.64
CA ARG A 142 0.35 -9.58 26.90
C ARG A 142 0.98 -10.90 26.46
N VAL A 143 0.22 -11.97 26.59
CA VAL A 143 0.69 -13.27 26.11
C VAL A 143 -0.34 -13.82 25.17
N ILE A 144 0.05 -14.04 23.92
CA ILE A 144 -0.92 -14.35 22.87
C ILE A 144 -0.49 -15.61 22.11
N GLY A 145 -1.42 -16.49 21.81
CA GLY A 145 -1.12 -17.61 20.93
C GLY A 145 -1.86 -17.50 19.61
N SER A 146 -1.37 -18.18 18.59
CA SER A 146 -1.96 -18.05 17.27
C SER A 146 -3.38 -18.62 17.25
N GLY A 147 -3.71 -19.45 18.24
CA GLY A 147 -5.07 -19.95 18.40
C GLY A 147 -5.66 -20.58 17.15
N THR A 148 -6.90 -20.21 16.82
CA THR A 148 -7.53 -20.82 15.65
C THR A 148 -7.58 -19.81 14.50
N THR A 149 -6.74 -18.79 14.56
CA THR A 149 -6.76 -17.70 13.58
C THR A 149 -6.68 -18.20 12.13
N LEU A 150 -5.82 -19.17 11.87
CA LEU A 150 -5.65 -19.67 10.52
C LEU A 150 -6.93 -20.38 10.02
N ASP A 151 -7.48 -21.26 10.83
CA ASP A 151 -8.70 -21.97 10.46
C ASP A 151 -9.91 -21.04 10.31
N SER A 152 -10.01 -20.05 11.18
CA SER A 152 -11.06 -19.06 11.06
C SER A 152 -10.95 -18.31 9.74
N ALA A 153 -9.78 -17.75 9.47
CA ALA A 153 -9.62 -16.93 8.26
C ALA A 153 -9.99 -17.74 7.04
N ARG A 154 -9.56 -19.00 7.01
CA ARG A 154 -9.88 -19.89 5.92
C ARG A 154 -11.33 -20.42 5.94
N PHE A 155 -11.98 -20.29 7.09
CA PHE A 155 -13.39 -20.60 7.20
C PHE A 155 -14.10 -19.41 6.56
N ARG A 156 -13.65 -18.19 6.89
CA ARG A 156 -14.25 -16.92 6.47
C ARG A 156 -14.02 -16.46 5.01
N PHE A 157 -12.83 -16.72 4.47
CA PHE A 157 -12.58 -16.57 3.02
C PHE A 157 -13.44 -17.51 2.13
N MET A 158 -13.50 -18.79 2.49
CA MET A 158 -14.28 -19.77 1.71
C MET A 158 -15.79 -19.42 1.63
N LEU A 159 -16.38 -19.08 2.77
CA LEU A 159 -17.74 -18.54 2.79
C LEU A 159 -17.88 -17.29 1.92
N SER A 160 -16.94 -16.35 2.05
CA SER A 160 -16.88 -15.18 1.17
C SER A 160 -16.84 -15.68 -0.27
N GLU A 161 -16.08 -16.77 -0.45
CA GLU A 161 -16.03 -17.45 -1.74
C GLU A 161 -17.03 -18.61 -1.72
N TYR A 162 -18.28 -18.26 -1.42
CA TYR A 162 -19.40 -19.19 -1.51
C TYR A 162 -20.68 -18.37 -1.67
N PHE A 163 -20.83 -17.37 -0.82
CA PHE A 163 -21.99 -16.50 -0.86
C PHE A 163 -21.74 -15.29 -1.77
N GLY A 164 -20.54 -15.25 -2.34
CA GLY A 164 -20.17 -14.22 -3.30
C GLY A 164 -19.94 -12.80 -2.77
N ALA A 165 -19.24 -12.68 -1.65
CA ALA A 165 -18.95 -11.36 -1.09
C ALA A 165 -17.51 -11.26 -0.56
N ALA A 166 -17.05 -10.03 -0.31
CA ALA A 166 -15.72 -9.82 0.26
C ALA A 166 -15.58 -10.44 1.65
N PRO A 167 -14.41 -10.92 1.94
CA PRO A 167 -14.18 -11.41 3.26
C PRO A 167 -14.59 -10.33 4.21
N GLN A 168 -14.19 -9.09 3.96
CA GLN A 168 -14.48 -8.01 4.91
C GLN A 168 -15.91 -7.90 5.38
N ASN A 169 -16.85 -8.39 4.60
CA ASN A 169 -18.25 -8.26 4.97
C ASN A 169 -18.84 -9.58 5.42
N VAL A 170 -17.97 -10.52 5.68
CA VAL A 170 -18.40 -11.85 6.13
C VAL A 170 -17.97 -12.13 7.55
N CYS A 171 -18.87 -12.76 8.30
CA CYS A 171 -18.62 -13.06 9.68
C CYS A 171 -18.71 -14.56 9.91
N ALA A 172 -17.57 -15.17 10.24
CA ALA A 172 -17.54 -16.59 10.58
C ALA A 172 -16.32 -16.90 11.44
N HIS A 173 -16.56 -17.48 12.61
CA HIS A 173 -15.50 -17.82 13.56
C HIS A 173 -15.40 -19.31 13.74
N ILE A 174 -14.16 -19.79 13.81
CA ILE A 174 -13.86 -21.08 14.44
C ILE A 174 -13.27 -20.78 15.81
N ILE A 175 -13.80 -21.41 16.85
CA ILE A 175 -13.31 -21.18 18.21
C ILE A 175 -13.01 -22.50 18.93
N GLY A 176 -12.37 -22.42 20.10
CA GLY A 176 -12.02 -23.61 20.85
C GLY A 176 -10.51 -23.87 20.73
N GLU A 177 -10.07 -25.09 21.09
CA GLU A 177 -8.66 -25.44 20.98
C GLU A 177 -8.25 -25.50 19.53
N HIS A 178 -7.01 -25.15 19.25
CA HIS A 178 -6.45 -25.35 17.92
C HIS A 178 -6.19 -26.85 17.73
N GLY A 179 -7.16 -27.55 17.14
CA GLY A 179 -7.11 -28.98 16.98
C GLY A 179 -8.50 -29.53 16.68
N ASP A 180 -8.70 -30.83 16.90
CA ASP A 180 -9.89 -31.52 16.43
C ASP A 180 -11.19 -31.16 17.15
N THR A 181 -11.12 -30.54 18.32
CA THR A 181 -12.37 -30.13 18.98
C THR A 181 -12.81 -28.69 18.67
N GLU A 182 -12.05 -27.97 17.84
CA GLU A 182 -12.47 -26.61 17.49
C GLU A 182 -13.87 -26.67 16.84
N LEU A 183 -14.64 -25.60 16.96
CA LEU A 183 -16.02 -25.62 16.44
C LEU A 183 -16.37 -24.35 15.66
N PRO A 184 -17.22 -24.49 14.64
CA PRO A 184 -17.76 -23.33 13.92
C PRO A 184 -18.87 -22.66 14.74
N VAL A 185 -18.94 -21.34 14.73
CA VAL A 185 -20.06 -20.66 15.40
C VAL A 185 -21.16 -20.30 14.37
N TRP A 186 -21.85 -21.33 13.90
CA TRP A 186 -22.87 -21.15 12.88
C TRP A 186 -23.93 -20.18 13.35
N SER A 187 -24.15 -20.12 14.65
CA SER A 187 -25.23 -19.30 15.19
C SER A 187 -25.02 -17.80 14.92
N HIS A 188 -23.77 -17.39 14.71
CA HIS A 188 -23.43 -15.98 14.49
C HIS A 188 -22.78 -15.77 13.13
N ALA A 189 -22.69 -16.82 12.35
CA ALA A 189 -22.15 -16.70 11.01
C ALA A 189 -23.15 -15.92 10.14
N ASN A 190 -22.68 -14.84 9.50
CA ASN A 190 -23.53 -13.95 8.69
C ASN A 190 -22.82 -13.25 7.51
N VAL A 191 -23.59 -12.92 6.48
CA VAL A 191 -23.06 -12.25 5.29
C VAL A 191 -23.73 -10.88 5.11
N GLY A 192 -22.93 -9.83 5.09
CA GLY A 192 -23.47 -8.50 5.12
C GLY A 192 -24.43 -8.28 6.26
N GLY A 193 -24.43 -9.20 7.23
CA GLY A 193 -25.33 -9.10 8.37
C GLY A 193 -26.51 -10.06 8.31
N VAL A 194 -26.57 -10.85 7.25
CA VAL A 194 -27.65 -11.81 7.06
C VAL A 194 -27.22 -13.18 7.56
N PRO A 195 -27.90 -13.72 8.58
CA PRO A 195 -27.54 -15.03 9.14
C PRO A 195 -27.43 -16.10 8.07
N VAL A 196 -26.38 -16.91 8.18
CA VAL A 196 -26.18 -18.03 7.28
C VAL A 196 -27.41 -18.92 7.23
N SER A 197 -28.04 -19.17 8.38
CA SER A 197 -29.22 -20.03 8.41
C SER A 197 -30.35 -19.47 7.54
N GLU A 198 -30.50 -18.14 7.51
CA GLU A 198 -31.51 -17.52 6.64
C GLU A 198 -31.16 -17.66 5.16
N LEU A 199 -29.89 -17.44 4.82
CA LEU A 199 -29.42 -17.56 3.44
C LEU A 199 -29.64 -18.97 2.93
N VAL A 200 -29.50 -19.93 3.83
CA VAL A 200 -29.62 -21.32 3.44
C VAL A 200 -31.04 -21.62 3.08
N GLU A 201 -31.96 -21.35 4.00
CA GLU A 201 -33.34 -21.79 3.80
C GLU A 201 -34.11 -20.95 2.76
N LYS A 202 -33.51 -19.86 2.29
CA LYS A 202 -34.17 -18.96 1.35
C LYS A 202 -33.64 -19.08 -0.08
N ASN A 203 -32.63 -19.92 -0.27
CA ASN A 203 -32.06 -20.18 -1.59
C ASN A 203 -31.63 -21.64 -1.63
N ASP A 204 -32.08 -22.41 -2.61
CA ASP A 204 -31.69 -23.81 -2.62
C ASP A 204 -30.37 -24.09 -3.32
N ALA A 205 -29.73 -23.04 -3.81
CA ALA A 205 -28.35 -23.13 -4.28
C ALA A 205 -27.39 -23.13 -3.08
N TYR A 206 -27.88 -22.66 -1.93
CA TYR A 206 -27.12 -22.61 -0.68
C TYR A 206 -27.53 -23.76 0.25
N LYS A 207 -26.66 -24.74 0.40
CA LYS A 207 -27.04 -25.98 1.05
C LYS A 207 -26.17 -26.29 2.28
N GLN A 208 -26.76 -26.95 3.26
CA GLN A 208 -26.11 -27.25 4.54
C GLN A 208 -24.85 -28.08 4.42
N GLU A 209 -24.96 -29.21 3.73
CA GLU A 209 -23.86 -30.15 3.62
C GLU A 209 -22.66 -29.48 2.97
N GLU A 210 -22.93 -28.67 1.95
CA GLU A 210 -21.89 -27.85 1.32
C GLU A 210 -21.22 -26.96 2.37
N LEU A 211 -22.00 -26.35 3.25
CA LEU A 211 -21.43 -25.55 4.32
C LEU A 211 -20.65 -26.42 5.31
N ASP A 212 -21.25 -27.54 5.74
CA ASP A 212 -20.59 -28.45 6.68
C ASP A 212 -19.25 -28.96 6.15
N GLN A 213 -19.17 -29.24 4.85
CA GLN A 213 -17.94 -29.76 4.31
C GLN A 213 -16.91 -28.66 4.16
N ILE A 214 -17.36 -27.40 4.10
CA ILE A 214 -16.42 -26.31 4.22
C ILE A 214 -15.71 -26.44 5.57
N VAL A 215 -16.45 -26.87 6.59
CA VAL A 215 -15.92 -27.06 7.95
C VAL A 215 -14.99 -28.28 8.08
N ASP A 216 -15.39 -29.41 7.52
CA ASP A 216 -14.58 -30.62 7.62
C ASP A 216 -13.25 -30.46 6.87
N ASP A 217 -13.30 -29.73 5.77
CA ASP A 217 -12.12 -29.39 4.99
C ASP A 217 -11.15 -28.44 5.74
N VAL A 218 -11.70 -27.42 6.39
CA VAL A 218 -10.90 -26.52 7.21
C VAL A 218 -10.12 -27.31 8.26
N LYS A 219 -10.82 -28.24 8.92
CA LYS A 219 -10.24 -29.00 10.02
C LYS A 219 -9.21 -30.06 9.61
N ASN A 220 -9.22 -30.43 8.33
CA ASN A 220 -8.33 -31.49 7.85
C ASN A 220 -7.24 -30.94 6.92
N ALA A 221 -7.20 -29.63 6.76
CA ALA A 221 -6.33 -28.98 5.79
C ALA A 221 -4.85 -29.26 6.08
N ALA A 222 -4.47 -29.13 7.34
CA ALA A 222 -3.08 -29.34 7.72
C ALA A 222 -2.66 -30.77 7.42
N TYR A 223 -3.47 -31.71 7.87
CA TYR A 223 -3.20 -33.12 7.67
C TYR A 223 -2.96 -33.48 6.19
N HIS A 224 -3.76 -32.90 5.29
CA HIS A 224 -3.59 -33.17 3.86
C HIS A 224 -2.34 -32.53 3.28
N ILE A 225 -1.99 -31.33 3.73
CA ILE A 225 -0.75 -30.69 3.28
C ILE A 225 0.42 -31.56 3.73
N ILE A 226 0.36 -31.99 4.99
CA ILE A 226 1.40 -32.83 5.57
C ILE A 226 1.55 -34.14 4.79
N GLU A 227 0.43 -34.77 4.43
CA GLU A 227 0.45 -35.99 3.61
C GLU A 227 1.32 -35.81 2.38
N LYS A 228 1.18 -34.67 1.71
CA LYS A 228 1.79 -34.48 0.39
C LYS A 228 3.19 -33.88 0.41
N LYS A 229 3.50 -33.06 1.41
CA LYS A 229 4.79 -32.38 1.42
C LYS A 229 5.60 -32.60 2.70
N GLY A 230 5.07 -33.38 3.62
CA GLY A 230 5.81 -33.74 4.80
C GLY A 230 5.68 -32.77 5.96
N ALA A 231 5.32 -31.52 5.67
CA ALA A 231 5.15 -30.52 6.71
C ALA A 231 4.33 -29.33 6.24
N THR A 232 3.88 -28.52 7.19
CA THR A 232 3.05 -27.37 6.87
C THR A 232 3.67 -26.11 7.49
N TYR A 233 3.82 -25.03 6.72
CA TYR A 233 4.44 -23.85 7.32
C TYR A 233 4.12 -22.49 6.72
N TYR A 234 3.65 -22.46 5.48
CA TYR A 234 3.31 -21.19 4.85
C TYR A 234 2.08 -20.54 5.47
N GLY A 235 1.04 -21.32 5.70
CA GLY A 235 -0.15 -20.79 6.33
C GLY A 235 0.08 -20.29 7.76
N VAL A 236 0.73 -21.12 8.55
CA VAL A 236 1.11 -20.77 9.92
C VAL A 236 1.90 -19.46 9.92
N ALA A 237 2.92 -19.36 9.06
CA ALA A 237 3.71 -18.13 8.92
C ALA A 237 2.86 -16.92 8.62
N MET A 238 1.90 -17.07 7.70
CA MET A 238 1.00 -15.96 7.37
C MET A 238 0.10 -15.57 8.54
N SER A 239 -0.42 -16.55 9.27
CA SER A 239 -1.29 -16.22 10.39
C SER A 239 -0.50 -15.43 11.42
N LEU A 240 0.75 -15.84 11.66
CA LEU A 240 1.62 -15.14 12.61
C LEU A 240 1.93 -13.72 12.16
N ALA A 241 2.17 -13.54 10.86
CA ALA A 241 2.45 -12.22 10.33
C ALA A 241 1.22 -11.34 10.49
N ARG A 242 0.05 -11.95 10.31
CA ARG A 242 -1.21 -11.21 10.45
C ARG A 242 -1.40 -10.73 11.91
N ILE A 243 -1.18 -11.61 12.87
CA ILE A 243 -1.29 -11.22 14.28
C ILE A 243 -0.26 -10.14 14.65
N THR A 244 0.97 -10.33 14.23
CA THR A 244 2.05 -9.36 14.46
C THR A 244 1.69 -7.95 13.94
N LYS A 245 1.06 -7.90 12.77
CA LYS A 245 0.65 -6.64 12.15
C LYS A 245 -0.42 -5.95 12.97
N ALA A 246 -1.42 -6.73 13.39
CA ALA A 246 -2.46 -6.20 14.24
C ALA A 246 -1.86 -5.59 15.50
N ILE A 247 -0.79 -6.20 16.01
CA ILE A 247 -0.16 -5.67 17.21
C ILE A 247 0.68 -4.42 16.92
N LEU A 248 1.65 -4.55 16.03
CA LEU A 248 2.59 -3.46 15.78
C LEU A 248 1.89 -2.21 15.25
N HIS A 249 0.78 -2.40 14.55
CA HIS A 249 0.10 -1.24 13.97
C HIS A 249 -1.19 -0.88 14.66
N ASN A 250 -1.36 -1.42 15.87
CA ASN A 250 -2.42 -1.01 16.76
C ASN A 250 -3.78 -1.03 16.05
N GLU A 251 -4.09 -2.14 15.37
CA GLU A 251 -5.27 -2.23 14.52
C GLU A 251 -6.59 -2.43 15.24
N ASN A 252 -6.57 -3.00 16.44
CA ASN A 252 -7.81 -3.43 17.06
C ASN A 252 -8.58 -4.42 16.17
N SER A 253 -7.87 -5.27 15.44
CA SER A 253 -8.50 -6.33 14.65
C SER A 253 -9.03 -7.44 15.57
N ILE A 254 -10.19 -7.97 15.25
CA ILE A 254 -10.74 -9.09 15.98
C ILE A 254 -10.21 -10.39 15.40
N LEU A 255 -9.50 -11.17 16.20
CA LEU A 255 -8.86 -12.40 15.72
C LEU A 255 -9.08 -13.50 16.77
N THR A 256 -9.22 -14.74 16.33
CA THR A 256 -9.44 -15.86 17.25
C THR A 256 -8.12 -16.38 17.82
N VAL A 257 -7.33 -15.49 18.40
CA VAL A 257 -6.10 -15.88 19.05
C VAL A 257 -6.37 -16.67 20.35
N SER A 258 -5.37 -17.43 20.79
CA SER A 258 -5.40 -18.06 22.11
C SER A 258 -5.46 -16.96 23.17
N THR A 259 -6.48 -17.01 24.03
CA THR A 259 -6.78 -15.93 24.95
C THR A 259 -7.15 -16.51 26.32
N TYR A 260 -6.72 -15.86 27.40
CA TYR A 260 -7.09 -16.33 28.73
C TYR A 260 -8.54 -16.01 29.08
N LEU A 261 -9.30 -17.04 29.43
CA LEU A 261 -10.67 -16.87 29.92
C LEU A 261 -10.75 -17.17 31.42
N ASP A 262 -11.47 -16.33 32.14
CA ASP A 262 -11.76 -16.58 33.54
C ASP A 262 -13.26 -16.40 33.76
N GLY A 263 -14.07 -17.28 33.18
CA GLY A 263 -15.51 -17.15 33.27
C GLY A 263 -16.26 -16.97 31.96
N GLN A 264 -15.71 -16.20 31.02
CA GLN A 264 -16.42 -16.03 29.75
C GLN A 264 -16.68 -17.39 29.10
N TYR A 265 -17.83 -17.47 28.42
CA TYR A 265 -18.25 -18.70 27.76
C TYR A 265 -18.37 -19.86 28.74
N GLY A 266 -18.39 -19.56 30.05
CA GLY A 266 -18.45 -20.62 31.06
C GLY A 266 -17.16 -21.43 31.21
N ALA A 267 -16.03 -20.87 30.79
CA ALA A 267 -14.75 -21.58 30.94
C ALA A 267 -13.83 -20.80 31.88
N ASP A 268 -13.08 -21.51 32.71
CA ASP A 268 -12.17 -20.80 33.61
C ASP A 268 -10.74 -21.30 33.54
N ASP A 269 -9.83 -20.38 33.77
CA ASP A 269 -8.42 -20.68 33.91
C ASP A 269 -7.88 -21.53 32.74
N VAL A 270 -8.02 -20.99 31.53
CA VAL A 270 -7.57 -21.71 30.35
C VAL A 270 -7.33 -20.69 29.22
N TYR A 271 -6.30 -20.93 28.41
CA TYR A 271 -6.10 -20.15 27.18
C TYR A 271 -6.75 -20.93 26.08
N ILE A 272 -7.49 -20.26 25.21
CA ILE A 272 -8.24 -20.97 24.19
C ILE A 272 -8.66 -19.96 23.09
N GLY A 273 -8.96 -20.46 21.90
CA GLY A 273 -9.29 -19.63 20.76
C GLY A 273 -10.71 -19.04 20.87
N VAL A 274 -10.79 -17.71 21.01
CA VAL A 274 -12.03 -16.95 20.93
C VAL A 274 -11.74 -15.61 20.25
N PRO A 275 -12.78 -14.95 19.71
CA PRO A 275 -12.58 -13.68 19.03
C PRO A 275 -12.18 -12.61 20.04
N ALA A 276 -11.02 -12.01 19.84
CA ALA A 276 -10.50 -11.05 20.79
C ALA A 276 -9.99 -9.85 19.99
N VAL A 277 -10.08 -8.67 20.58
CA VAL A 277 -9.54 -7.46 19.94
C VAL A 277 -8.04 -7.36 20.21
N VAL A 278 -7.27 -7.29 19.14
CA VAL A 278 -5.82 -7.24 19.22
C VAL A 278 -5.29 -5.84 18.83
N ASN A 279 -4.55 -5.20 19.72
CA ASN A 279 -3.88 -3.95 19.38
C ASN A 279 -2.46 -3.86 19.97
N ARG A 280 -1.92 -2.64 20.02
CA ARG A 280 -0.52 -2.47 20.42
C ARG A 280 -0.26 -2.94 21.86
N GLY A 281 -1.26 -2.84 22.73
CA GLY A 281 -1.15 -3.37 24.07
C GLY A 281 -1.42 -4.87 24.18
N GLY A 282 -1.68 -5.54 23.07
CA GLY A 282 -2.03 -6.95 23.10
C GLY A 282 -3.54 -7.19 23.07
N ILE A 283 -4.07 -7.94 24.02
CA ILE A 283 -5.51 -8.21 24.05
C ILE A 283 -6.24 -6.99 24.62
N ALA A 284 -7.10 -6.35 23.82
CA ALA A 284 -7.81 -5.16 24.27
C ALA A 284 -9.21 -5.49 24.77
N GLY A 285 -9.68 -6.70 24.48
CA GLY A 285 -11.05 -7.04 24.80
C GLY A 285 -11.42 -8.40 24.23
N ILE A 286 -12.41 -9.03 24.84
CA ILE A 286 -12.85 -10.33 24.41
C ILE A 286 -14.29 -10.27 23.93
N THR A 287 -14.52 -10.71 22.69
CA THR A 287 -15.86 -10.79 22.16
C THR A 287 -16.59 -11.99 22.72
N GLU A 288 -17.71 -11.74 23.40
CA GLU A 288 -18.49 -12.83 23.97
C GLU A 288 -19.74 -13.16 23.16
N LEU A 289 -19.60 -14.11 22.25
CA LEU A 289 -20.72 -14.51 21.41
C LEU A 289 -21.70 -15.33 22.24
N ASN A 290 -22.99 -15.07 22.06
CA ASN A 290 -24.04 -15.81 22.77
C ASN A 290 -24.26 -17.17 22.13
N LEU A 291 -23.47 -18.16 22.53
CA LEU A 291 -23.48 -19.46 21.87
C LEU A 291 -24.82 -20.16 22.05
N ASN A 292 -25.27 -20.89 21.02
CA ASN A 292 -26.46 -21.70 21.22
C ASN A 292 -26.10 -22.95 22.02
N GLU A 293 -27.08 -23.79 22.33
CA GLU A 293 -26.89 -24.88 23.29
C GLU A 293 -25.88 -25.92 22.81
N LYS A 294 -25.96 -26.28 21.54
CA LYS A 294 -24.99 -27.17 20.91
C LYS A 294 -23.57 -26.59 20.97
N GLU A 295 -23.42 -25.33 20.58
CA GLU A 295 -22.11 -24.67 20.56
C GLU A 295 -21.50 -24.59 21.96
N LYS A 296 -22.34 -24.29 22.94
CA LYS A 296 -21.89 -24.13 24.31
C LYS A 296 -21.29 -25.45 24.83
N GLU A 297 -21.93 -26.56 24.48
CA GLU A 297 -21.51 -27.88 24.88
C GLU A 297 -20.18 -28.24 24.20
N GLN A 298 -20.13 -28.07 22.88
CA GLN A 298 -18.89 -28.25 22.13
C GLN A 298 -17.74 -27.42 22.71
N PHE A 299 -18.02 -26.16 23.05
CA PHE A 299 -16.95 -25.30 23.53
C PHE A 299 -16.44 -25.71 24.91
N LEU A 300 -17.34 -26.03 25.83
CA LEU A 300 -16.90 -26.49 27.16
C LEU A 300 -16.15 -27.82 27.06
N HIS A 301 -16.50 -28.67 26.11
CA HIS A 301 -15.74 -29.90 25.92
C HIS A 301 -14.32 -29.53 25.43
N SER A 302 -14.24 -28.58 24.49
CA SER A 302 -12.96 -28.12 23.94
C SER A 302 -12.07 -27.53 25.04
N ALA A 303 -12.67 -26.72 25.92
CA ALA A 303 -11.93 -26.16 27.03
C ALA A 303 -11.49 -27.27 27.98
N GLY A 304 -12.33 -28.31 28.09
CA GLY A 304 -12.04 -29.43 28.98
C GLY A 304 -10.86 -30.28 28.51
N VAL A 305 -10.80 -30.52 27.21
CA VAL A 305 -9.68 -31.22 26.59
C VAL A 305 -8.34 -30.53 26.92
N LEU A 306 -8.35 -29.19 26.90
CA LEU A 306 -7.15 -28.41 27.26
C LEU A 306 -6.81 -28.50 28.74
N LYS A 307 -7.83 -28.34 29.58
CA LYS A 307 -7.61 -28.48 31.01
C LYS A 307 -7.12 -29.90 31.46
N ASN A 308 -7.50 -30.93 30.72
CA ASN A 308 -6.99 -32.28 31.01
C ASN A 308 -5.46 -32.35 30.79
N ILE A 309 -4.98 -31.57 29.83
CA ILE A 309 -3.54 -31.49 29.59
C ILE A 309 -2.83 -30.57 30.59
N LEU A 310 -3.45 -29.44 30.96
CA LEU A 310 -2.82 -28.52 31.91
C LEU A 310 -2.71 -29.11 33.32
N LYS A 311 -3.73 -29.86 33.71
CA LYS A 311 -3.89 -30.25 35.10
C LYS A 311 -2.66 -31.00 35.69
N PRO A 312 -2.13 -32.00 35.00
CA PRO A 312 -0.96 -32.70 35.54
C PRO A 312 0.28 -31.81 35.63
N HIS A 313 0.29 -30.68 34.92
CA HIS A 313 1.46 -29.80 34.91
C HIS A 313 1.34 -28.53 35.73
N PHE A 314 0.13 -28.07 35.98
CA PHE A 314 -0.08 -26.82 36.71
C PHE A 314 -1.12 -27.04 37.82
N ALA A 315 -0.88 -26.48 39.00
CA ALA A 315 -1.77 -26.66 40.15
C ALA A 315 -3.23 -26.31 39.83
N ASN B 2 -7.90 0.38 -22.15
CA ASN B 2 -9.13 -0.35 -21.78
C ASN B 2 -8.83 -1.73 -21.21
N LYS B 3 -7.88 -2.43 -21.85
CA LYS B 3 -7.51 -3.78 -21.44
C LYS B 3 -6.61 -3.83 -20.19
N HIS B 4 -5.53 -3.06 -20.20
CA HIS B 4 -4.63 -3.00 -19.06
C HIS B 4 -4.83 -1.74 -18.20
N VAL B 5 -5.68 -0.83 -18.66
CA VAL B 5 -5.80 0.46 -17.96
C VAL B 5 -7.24 0.89 -17.65
N ASN B 6 -7.42 1.43 -16.45
CA ASN B 6 -8.70 1.96 -16.00
C ASN B 6 -8.84 3.43 -16.35
N LYS B 7 -10.05 3.83 -16.71
CA LYS B 7 -10.29 5.22 -17.06
C LYS B 7 -11.59 5.70 -16.45
N VAL B 8 -11.56 6.86 -15.83
CA VAL B 8 -12.76 7.50 -15.31
C VAL B 8 -13.03 8.81 -16.04
N ALA B 9 -14.29 9.05 -16.41
CA ALA B 9 -14.73 10.33 -16.94
C ALA B 9 -15.57 11.03 -15.88
N LEU B 10 -15.18 12.25 -15.51
CA LEU B 10 -15.94 13.02 -14.55
C LEU B 10 -16.72 14.09 -15.31
N ILE B 11 -18.02 14.17 -15.06
CA ILE B 11 -18.82 15.22 -15.64
C ILE B 11 -19.28 16.19 -14.55
N GLY B 12 -18.73 17.40 -14.58
CA GLY B 12 -19.02 18.42 -13.59
C GLY B 12 -17.78 18.66 -12.74
N ALA B 13 -17.11 19.79 -12.93
CA ALA B 13 -15.86 20.02 -12.19
C ALA B 13 -16.03 21.10 -11.12
N GLY B 14 -17.10 21.04 -10.35
CA GLY B 14 -17.24 21.91 -9.20
C GLY B 14 -16.46 21.38 -8.01
N PHE B 15 -16.80 21.83 -6.81
CA PHE B 15 -16.11 21.38 -5.59
C PHE B 15 -16.20 19.87 -5.37
N VAL B 16 -17.37 19.28 -5.58
CA VAL B 16 -17.45 17.84 -5.45
C VAL B 16 -16.53 17.16 -6.47
N GLY B 17 -16.72 17.48 -7.74
CA GLY B 17 -15.99 16.80 -8.81
C GLY B 17 -14.47 16.91 -8.70
N SER B 18 -13.97 18.13 -8.53
CA SER B 18 -12.54 18.37 -8.33
C SER B 18 -11.93 17.64 -7.13
N SER B 19 -12.63 17.64 -6.00
CA SER B 19 -12.18 16.93 -4.81
C SER B 19 -12.16 15.41 -5.03
N TYR B 20 -13.18 14.91 -5.72
CA TYR B 20 -13.20 13.51 -6.15
C TYR B 20 -11.98 13.22 -7.01
N ALA B 21 -11.76 14.06 -8.02
CA ALA B 21 -10.56 13.91 -8.85
C ALA B 21 -9.28 13.86 -7.96
N PHE B 22 -9.16 14.81 -7.05
CA PHE B 22 -7.98 14.89 -6.17
C PHE B 22 -7.85 13.63 -5.32
N ALA B 23 -8.97 13.17 -4.77
CA ALA B 23 -9.00 11.89 -4.04
C ALA B 23 -8.53 10.69 -4.87
N LEU B 24 -9.00 10.60 -6.11
CA LEU B 24 -8.61 9.46 -6.96
C LEU B 24 -7.10 9.48 -7.16
N ILE B 25 -6.57 10.66 -7.42
CA ILE B 25 -5.15 10.81 -7.71
C ILE B 25 -4.30 10.53 -6.46
N ASN B 26 -4.74 11.04 -5.33
CA ASN B 26 -4.05 10.78 -4.07
C ASN B 26 -4.04 9.32 -3.63
N GLN B 27 -5.09 8.58 -3.94
CA GLN B 27 -5.21 7.18 -3.52
C GLN B 27 -4.72 6.17 -4.56
N GLY B 28 -4.43 6.64 -5.76
CA GLY B 28 -3.98 5.75 -6.82
C GLY B 28 -5.04 4.81 -7.39
N ILE B 29 -6.26 5.31 -7.52
CA ILE B 29 -7.39 4.42 -7.84
C ILE B 29 -7.55 4.16 -9.34
N THR B 30 -7.24 5.14 -10.18
CA THR B 30 -7.48 4.99 -11.61
C THR B 30 -6.21 5.30 -12.39
N ASP B 31 -6.07 4.77 -13.60
CA ASP B 31 -4.94 5.12 -14.45
C ASP B 31 -5.18 6.41 -15.22
N GLU B 32 -6.43 6.66 -15.62
CA GLU B 32 -6.76 7.86 -16.39
C GLU B 32 -8.03 8.53 -15.91
N LEU B 33 -8.04 9.86 -15.98
CA LEU B 33 -9.17 10.66 -15.64
C LEU B 33 -9.38 11.70 -16.75
N VAL B 34 -10.61 11.80 -17.27
CA VAL B 34 -10.95 12.91 -18.15
C VAL B 34 -12.00 13.78 -17.47
N VAL B 35 -11.79 15.09 -17.50
CA VAL B 35 -12.68 16.01 -16.85
C VAL B 35 -13.50 16.75 -17.92
N ILE B 36 -14.81 16.76 -17.75
CA ILE B 36 -15.73 17.31 -18.72
C ILE B 36 -16.61 18.37 -18.09
N ASP B 37 -16.56 19.58 -18.62
CA ASP B 37 -17.33 20.70 -18.06
C ASP B 37 -17.30 21.87 -19.04
N VAL B 38 -18.47 22.39 -19.39
CA VAL B 38 -18.56 23.53 -20.31
C VAL B 38 -17.84 24.78 -19.80
N ASN B 39 -17.66 24.91 -18.48
CA ASN B 39 -16.85 26.00 -17.93
C ASN B 39 -15.37 25.71 -18.12
N LYS B 40 -14.85 26.15 -19.25
CA LYS B 40 -13.57 25.69 -19.77
C LYS B 40 -12.37 26.20 -18.95
N GLU B 41 -12.40 27.47 -18.59
CA GLU B 41 -11.25 28.08 -17.93
C GLU B 41 -11.00 27.42 -16.58
N LYS B 42 -12.06 27.31 -15.79
CA LYS B 42 -11.99 26.73 -14.48
C LYS B 42 -11.62 25.25 -14.56
N ALA B 43 -12.21 24.53 -15.49
CA ALA B 43 -11.94 23.09 -15.58
C ALA B 43 -10.56 22.81 -16.12
N MET B 44 -10.13 23.51 -17.16
CA MET B 44 -8.77 23.29 -17.67
C MET B 44 -7.75 23.69 -16.60
N GLY B 45 -8.05 24.78 -15.88
CA GLY B 45 -7.26 25.20 -14.74
C GLY B 45 -7.10 24.09 -13.72
N ASP B 46 -8.22 23.48 -13.31
CA ASP B 46 -8.17 22.37 -12.38
C ASP B 46 -7.34 21.22 -12.93
N VAL B 47 -7.54 20.89 -14.20
CA VAL B 47 -6.81 19.80 -14.81
C VAL B 47 -5.30 20.10 -14.80
N MET B 48 -4.92 21.31 -15.17
CA MET B 48 -3.52 21.70 -15.13
C MET B 48 -2.98 21.65 -13.70
N ASP B 49 -3.77 22.12 -12.74
CA ASP B 49 -3.38 22.11 -11.33
C ASP B 49 -3.17 20.66 -10.80
N LEU B 50 -4.12 19.77 -11.12
CA LEU B 50 -4.01 18.38 -10.74
C LEU B 50 -2.82 17.70 -11.40
N ASN B 51 -2.50 18.08 -12.64
CA ASN B 51 -1.32 17.53 -13.32
C ASN B 51 0.02 18.11 -12.82
N HIS B 52 -0.03 19.34 -12.28
CA HIS B 52 1.16 20.04 -11.82
C HIS B 52 1.94 19.18 -10.83
N GLY B 53 1.23 18.57 -9.87
CA GLY B 53 1.84 17.75 -8.85
C GLY B 53 1.67 16.25 -9.03
N LYS B 54 1.53 15.79 -10.28
CA LYS B 54 1.28 14.38 -10.51
C LYS B 54 2.48 13.51 -10.13
N ALA B 55 3.68 14.07 -10.24
CA ALA B 55 4.90 13.32 -9.93
C ALA B 55 4.90 12.79 -8.50
N PHE B 56 4.15 13.44 -7.61
CA PHE B 56 4.12 13.02 -6.21
C PHE B 56 3.11 11.92 -5.89
N ALA B 57 2.22 11.60 -6.83
CA ALA B 57 1.17 10.63 -6.56
C ALA B 57 1.78 9.23 -6.56
N PRO B 58 1.18 8.32 -5.79
CA PRO B 58 1.72 6.96 -5.64
C PRO B 58 1.78 6.19 -6.96
N GLN B 59 0.87 6.49 -7.88
CA GLN B 59 0.88 5.85 -9.19
C GLN B 59 0.73 6.89 -10.29
N PRO B 60 1.24 6.59 -11.48
CA PRO B 60 1.11 7.51 -12.63
C PRO B 60 -0.36 7.70 -12.94
N VAL B 61 -0.79 8.94 -13.14
CA VAL B 61 -2.19 9.18 -13.46
C VAL B 61 -2.34 10.27 -14.52
N LYS B 62 -2.92 9.89 -15.65
CA LYS B 62 -3.06 10.81 -16.77
C LYS B 62 -4.37 11.59 -16.64
N THR B 63 -4.26 12.89 -16.45
CA THR B 63 -5.45 13.71 -16.34
C THR B 63 -5.59 14.67 -17.52
N SER B 64 -6.80 14.75 -18.07
CA SER B 64 -7.04 15.59 -19.24
C SER B 64 -8.40 16.25 -19.21
N TYR B 65 -8.53 17.30 -20.01
CA TYR B 65 -9.77 18.00 -20.22
C TYR B 65 -10.40 17.54 -21.55
N GLY B 66 -11.68 17.19 -21.53
CA GLY B 66 -12.32 16.66 -22.72
C GLY B 66 -13.81 16.92 -22.76
N THR B 67 -14.50 16.24 -23.68
CA THR B 67 -15.95 16.33 -23.70
C THR B 67 -16.54 14.95 -23.87
N TYR B 68 -17.82 14.86 -24.16
CA TYR B 68 -18.51 13.57 -24.21
C TYR B 68 -17.83 12.51 -25.08
N GLU B 69 -17.27 12.92 -26.22
CA GLU B 69 -16.61 11.96 -27.11
C GLU B 69 -15.52 11.21 -26.37
N ASP B 70 -14.98 11.82 -25.32
CA ASP B 70 -13.84 11.22 -24.63
C ASP B 70 -14.29 10.17 -23.62
N CYS B 71 -15.60 9.95 -23.50
CA CYS B 71 -16.16 8.88 -22.67
C CYS B 71 -16.16 7.52 -23.35
N LYS B 72 -15.85 7.48 -24.64
CA LYS B 72 -16.02 6.24 -25.39
C LYS B 72 -15.40 5.03 -24.69
N ASP B 73 -14.16 5.20 -24.22
CA ASP B 73 -13.45 4.09 -23.61
C ASP B 73 -13.38 4.17 -22.07
N ALA B 74 -14.21 5.02 -21.46
CA ALA B 74 -14.26 5.09 -20.01
C ALA B 74 -14.91 3.86 -19.38
N ASP B 75 -14.35 3.39 -18.28
CA ASP B 75 -14.96 2.33 -17.47
C ASP B 75 -16.10 2.90 -16.64
N ILE B 76 -15.93 4.13 -16.20
CA ILE B 76 -16.92 4.73 -15.33
C ILE B 76 -17.14 6.13 -15.79
N VAL B 77 -18.40 6.55 -15.84
CA VAL B 77 -18.72 7.96 -15.96
C VAL B 77 -19.36 8.39 -14.65
N CYS B 78 -18.77 9.37 -13.99
CA CYS B 78 -19.27 9.82 -12.70
C CYS B 78 -19.89 11.19 -12.91
N ILE B 79 -21.15 11.36 -12.53
CA ILE B 79 -21.81 12.63 -12.83
C ILE B 79 -22.06 13.41 -11.55
N CYS B 80 -21.44 14.59 -11.47
CA CYS B 80 -21.56 15.48 -10.31
C CYS B 80 -22.24 16.77 -10.74
N ALA B 81 -22.47 16.92 -12.04
CA ALA B 81 -23.14 18.10 -12.59
C ALA B 81 -24.60 18.20 -12.16
N GLY B 82 -25.09 19.43 -12.14
CA GLY B 82 -26.51 19.66 -11.92
C GLY B 82 -26.65 20.97 -11.19
N ALA B 83 -27.88 21.41 -10.98
CA ALA B 83 -28.11 22.52 -10.05
C ALA B 83 -28.23 22.00 -8.61
N ASN B 84 -27.99 22.92 -7.68
CA ASN B 84 -28.22 22.70 -6.25
C ASN B 84 -29.51 23.42 -5.86
N GLN B 85 -30.29 22.83 -4.97
CA GLN B 85 -31.61 23.42 -4.76
C GLN B 85 -31.55 24.72 -3.96
N LYS B 86 -32.24 25.72 -4.50
CA LYS B 86 -32.28 27.06 -3.94
C LYS B 86 -33.19 27.09 -2.73
N PRO B 87 -32.93 28.02 -1.81
CA PRO B 87 -33.84 28.14 -0.67
C PRO B 87 -35.24 28.48 -1.14
N GLY B 88 -36.25 27.83 -0.55
CA GLY B 88 -37.62 28.05 -0.95
C GLY B 88 -38.08 27.14 -2.08
N GLU B 89 -37.13 26.56 -2.79
CA GLU B 89 -37.45 25.64 -3.89
C GLU B 89 -37.74 24.24 -3.33
N THR B 90 -38.75 23.56 -3.88
CA THR B 90 -39.04 22.21 -3.40
C THR B 90 -38.12 21.25 -4.14
N ARG B 91 -38.07 20.01 -3.68
CA ARG B 91 -37.28 19.00 -4.38
C ARG B 91 -37.85 18.68 -5.75
N LEU B 92 -39.17 18.67 -5.89
CA LEU B 92 -39.72 18.39 -7.22
C LEU B 92 -39.31 19.48 -8.21
N GLU B 93 -39.22 20.71 -7.74
CA GLU B 93 -38.77 21.82 -8.58
C GLU B 93 -37.28 21.64 -8.95
N LEU B 94 -36.45 21.19 -8.02
CA LEU B 94 -35.05 20.94 -8.35
C LEU B 94 -34.97 19.78 -9.33
N VAL B 95 -35.75 18.74 -9.08
CA VAL B 95 -35.73 17.55 -9.94
C VAL B 95 -36.11 17.88 -11.39
N GLU B 96 -37.07 18.79 -11.56
CA GLU B 96 -37.46 19.20 -12.92
C GLU B 96 -36.23 19.77 -13.68
N LYS B 97 -35.44 20.60 -13.01
CA LYS B 97 -34.25 21.18 -13.65
C LYS B 97 -33.16 20.14 -13.92
N ASN B 98 -32.90 19.29 -12.93
CA ASN B 98 -31.81 18.34 -13.05
C ASN B 98 -32.10 17.22 -14.02
N LEU B 99 -33.39 16.88 -14.19
CA LEU B 99 -33.73 15.84 -15.16
C LEU B 99 -33.43 16.33 -16.56
N LYS B 100 -33.70 17.60 -16.81
CA LYS B 100 -33.41 18.14 -18.14
C LYS B 100 -31.89 18.16 -18.41
N ILE B 101 -31.11 18.53 -17.41
CA ILE B 101 -29.66 18.48 -17.52
C ILE B 101 -29.17 17.05 -17.75
N PHE B 102 -29.70 16.10 -16.97
CA PHE B 102 -29.29 14.70 -17.10
C PHE B 102 -29.71 14.10 -18.42
N LYS B 103 -30.87 14.51 -18.92
CA LYS B 103 -31.29 14.02 -20.23
C LYS B 103 -30.24 14.34 -21.31
N GLY B 104 -29.80 15.59 -21.37
CA GLY B 104 -28.73 15.93 -22.31
C GLY B 104 -27.42 15.18 -22.03
N ILE B 105 -26.98 15.16 -20.77
CA ILE B 105 -25.70 14.53 -20.47
C ILE B 105 -25.72 13.06 -20.83
N VAL B 106 -26.76 12.34 -20.39
CA VAL B 106 -26.74 10.90 -20.59
C VAL B 106 -26.88 10.53 -22.06
N SER B 107 -27.77 11.20 -22.79
CA SER B 107 -27.84 10.89 -24.23
C SER B 107 -26.54 11.20 -24.97
N GLU B 108 -25.84 12.27 -24.62
CA GLU B 108 -24.55 12.54 -25.27
C GLU B 108 -23.52 11.48 -24.91
N VAL B 109 -23.52 11.07 -23.63
CA VAL B 109 -22.59 10.03 -23.20
C VAL B 109 -22.88 8.72 -23.94
N MET B 110 -24.15 8.33 -24.03
CA MET B 110 -24.45 7.06 -24.70
C MET B 110 -24.05 7.13 -26.18
N ALA B 111 -24.21 8.30 -26.80
CA ALA B 111 -23.90 8.46 -28.23
C ALA B 111 -22.39 8.51 -28.53
N SER B 112 -21.57 8.60 -27.49
CA SER B 112 -20.11 8.59 -27.70
C SER B 112 -19.60 7.16 -27.92
N GLY B 113 -20.46 6.18 -27.69
CA GLY B 113 -20.00 4.79 -27.70
C GLY B 113 -19.74 4.22 -26.30
N PHE B 114 -19.85 5.03 -25.25
CA PHE B 114 -19.64 4.57 -23.86
C PHE B 114 -20.38 3.27 -23.55
N ASP B 115 -19.71 2.35 -22.88
CA ASP B 115 -20.33 1.06 -22.55
C ASP B 115 -19.84 0.59 -21.19
N GLY B 116 -19.81 1.52 -20.23
CA GLY B 116 -19.30 1.21 -18.91
C GLY B 116 -20.36 1.30 -17.84
N ILE B 117 -19.98 1.85 -16.70
CA ILE B 117 -20.87 2.00 -15.56
C ILE B 117 -21.07 3.49 -15.25
N PHE B 118 -22.30 3.89 -14.94
CA PHE B 118 -22.56 5.25 -14.45
C PHE B 118 -22.51 5.26 -12.93
N LEU B 119 -21.84 6.27 -12.39
CA LEU B 119 -21.86 6.56 -10.96
C LEU B 119 -22.45 7.95 -10.76
N VAL B 120 -23.60 8.02 -10.10
CA VAL B 120 -24.33 9.29 -9.98
C VAL B 120 -24.16 9.91 -8.60
N ALA B 121 -23.79 11.19 -8.54
CA ALA B 121 -23.59 11.91 -7.26
C ALA B 121 -24.56 13.07 -7.02
N THR B 122 -25.13 13.61 -8.09
CA THR B 122 -25.99 14.79 -8.00
C THR B 122 -27.27 14.58 -7.18
N ASN B 123 -27.61 15.54 -6.32
CA ASN B 123 -28.85 15.47 -5.52
C ASN B 123 -30.11 15.80 -6.33
N PRO B 124 -31.25 15.14 -6.01
CA PRO B 124 -31.43 14.00 -5.09
C PRO B 124 -30.96 12.72 -5.77
N VAL B 125 -29.95 12.09 -5.19
CA VAL B 125 -29.19 11.08 -5.90
C VAL B 125 -30.00 9.84 -6.33
N ASP B 126 -30.92 9.38 -5.50
CA ASP B 126 -31.73 8.20 -5.84
C ASP B 126 -32.63 8.47 -7.04
N ILE B 127 -33.20 9.66 -7.07
CA ILE B 127 -34.02 10.10 -8.19
C ILE B 127 -33.22 10.15 -9.48
N LEU B 128 -32.07 10.81 -9.45
CA LEU B 128 -31.25 10.99 -10.66
C LEU B 128 -30.59 9.70 -11.11
N THR B 129 -30.37 8.77 -10.18
CA THR B 129 -29.87 7.45 -10.55
C THR B 129 -30.94 6.70 -11.36
N TYR B 130 -32.18 6.72 -10.87
CA TYR B 130 -33.31 6.13 -11.58
C TYR B 130 -33.46 6.75 -13.00
N ALA B 131 -33.36 8.08 -13.07
CA ALA B 131 -33.41 8.78 -14.37
C ALA B 131 -32.30 8.36 -15.31
N THR B 132 -31.10 8.23 -14.77
CA THR B 132 -29.97 7.83 -15.60
C THR B 132 -30.17 6.43 -16.16
N TRP B 133 -30.79 5.57 -15.38
CA TRP B 133 -31.12 4.23 -15.82
C TRP B 133 -32.11 4.33 -16.99
N LYS B 134 -33.22 5.04 -16.77
CA LYS B 134 -34.23 5.22 -17.83
C LYS B 134 -33.65 5.86 -19.09
N PHE B 135 -32.90 6.95 -18.91
CA PHE B 135 -32.31 7.68 -20.05
C PHE B 135 -31.26 6.88 -20.82
N SER B 136 -30.48 6.06 -20.11
CA SER B 136 -29.38 5.35 -20.75
C SER B 136 -29.78 4.06 -21.49
N GLY B 137 -30.85 3.41 -21.04
CA GLY B 137 -31.17 2.08 -21.57
C GLY B 137 -30.20 0.98 -21.15
N LEU B 138 -29.27 1.28 -20.24
CA LEU B 138 -28.37 0.25 -19.71
C LEU B 138 -29.06 -0.70 -18.72
N PRO B 139 -28.44 -1.88 -18.49
CA PRO B 139 -28.93 -2.75 -17.40
C PRO B 139 -28.86 -2.02 -16.05
N LYS B 140 -29.83 -2.26 -15.19
CA LYS B 140 -29.96 -1.60 -13.92
C LYS B 140 -28.72 -1.82 -13.01
N GLU B 141 -27.99 -2.91 -13.23
CA GLU B 141 -26.80 -3.22 -12.48
C GLU B 141 -25.64 -2.30 -12.83
N ARG B 142 -25.75 -1.62 -13.94
CA ARG B 142 -24.64 -0.79 -14.41
C ARG B 142 -24.88 0.72 -14.17
N VAL B 143 -25.92 1.02 -13.40
CA VAL B 143 -26.20 2.40 -13.03
C VAL B 143 -26.24 2.48 -11.51
N ILE B 144 -25.35 3.26 -10.92
CA ILE B 144 -25.15 3.22 -9.47
C ILE B 144 -25.15 4.64 -8.94
N GLY B 145 -25.82 4.88 -7.81
CA GLY B 145 -25.72 6.15 -7.15
C GLY B 145 -25.04 6.01 -5.80
N SER B 146 -24.56 7.11 -5.26
CA SER B 146 -23.76 7.06 -4.05
C SER B 146 -24.63 6.64 -2.86
N GLY B 147 -25.96 6.78 -3.00
CA GLY B 147 -26.88 6.30 -1.98
C GLY B 147 -26.58 6.80 -0.59
N THR B 148 -26.60 5.91 0.39
CA THR B 148 -26.35 6.31 1.75
C THR B 148 -24.93 5.91 2.19
N THR B 149 -24.05 5.62 1.22
CA THR B 149 -22.71 5.10 1.53
C THR B 149 -21.96 5.95 2.57
N LEU B 150 -22.04 7.27 2.43
CA LEU B 150 -21.33 8.14 3.33
C LEU B 150 -21.89 8.06 4.76
N ASP B 151 -23.20 8.14 4.88
CA ASP B 151 -23.83 8.06 6.19
C ASP B 151 -23.61 6.68 6.86
N SER B 152 -23.68 5.62 6.08
CA SER B 152 -23.39 4.30 6.59
C SER B 152 -21.97 4.23 7.13
N ALA B 153 -20.99 4.58 6.30
CA ALA B 153 -19.59 4.40 6.68
C ALA B 153 -19.32 5.17 7.94
N ARG B 154 -19.87 6.37 8.01
CA ARG B 154 -19.70 7.16 9.19
C ARG B 154 -20.33 6.45 10.40
N PHE B 155 -21.64 6.15 10.31
CA PHE B 155 -22.38 5.36 11.30
C PHE B 155 -21.52 4.20 11.80
N ARG B 156 -20.87 3.49 10.87
CA ARG B 156 -20.08 2.29 11.14
C ARG B 156 -18.72 2.50 11.79
N PHE B 157 -17.99 3.52 11.34
CA PHE B 157 -16.79 3.99 12.04
C PHE B 157 -17.08 4.45 13.49
N MET B 158 -18.14 5.23 13.68
CA MET B 158 -18.45 5.75 15.01
C MET B 158 -18.76 4.60 16.00
N LEU B 159 -19.53 3.61 15.55
CA LEU B 159 -19.77 2.43 16.37
C LEU B 159 -18.45 1.71 16.69
N SER B 160 -17.57 1.57 15.68
CA SER B 160 -16.23 1.01 15.88
C SER B 160 -15.51 1.87 16.92
N GLU B 161 -15.74 3.17 16.81
CA GLU B 161 -15.19 4.12 17.77
C GLU B 161 -16.26 4.36 18.83
N TYR B 162 -16.73 3.28 19.42
CA TYR B 162 -17.64 3.31 20.56
C TYR B 162 -17.55 2.01 21.35
N PHE B 163 -17.69 0.89 20.63
CA PHE B 163 -17.61 -0.44 21.21
C PHE B 163 -16.16 -0.92 21.22
N GLY B 164 -15.27 -0.09 20.64
CA GLY B 164 -13.85 -0.33 20.66
C GLY B 164 -13.30 -1.46 19.79
N ALA B 165 -13.73 -1.53 18.53
CA ALA B 165 -13.19 -2.55 17.60
C ALA B 165 -13.02 -1.97 16.18
N ALA B 166 -12.20 -2.64 15.37
CA ALA B 166 -11.97 -2.15 14.01
C ALA B 166 -13.27 -1.97 13.21
N PRO B 167 -13.30 -0.91 12.41
CA PRO B 167 -14.40 -0.77 11.45
C PRO B 167 -14.65 -2.11 10.76
N GLN B 168 -13.61 -2.74 10.22
CA GLN B 168 -13.77 -4.00 9.47
C GLN B 168 -14.59 -5.06 10.19
N ASN B 169 -14.67 -4.96 11.52
CA ASN B 169 -15.25 -6.02 12.35
C ASN B 169 -16.64 -5.62 12.84
N VAL B 170 -17.14 -4.51 12.30
CA VAL B 170 -18.42 -3.96 12.71
C VAL B 170 -19.44 -3.92 11.59
N CYS B 171 -20.69 -4.19 11.95
CA CYS B 171 -21.76 -4.23 10.99
C CYS B 171 -22.83 -3.22 11.42
N ALA B 172 -23.00 -2.18 10.60
CA ALA B 172 -24.05 -1.19 10.82
C ALA B 172 -24.38 -0.50 9.49
N HIS B 173 -25.64 -0.61 9.08
CA HIS B 173 -26.13 -0.01 7.85
C HIS B 173 -27.13 1.11 8.11
N ILE B 174 -26.99 2.18 7.33
CA ILE B 174 -28.07 3.14 7.13
C ILE B 174 -28.65 2.85 5.75
N ILE B 175 -29.96 2.70 5.64
CA ILE B 175 -30.58 2.41 4.35
C ILE B 175 -31.76 3.35 4.07
N GLY B 176 -32.26 3.31 2.84
CA GLY B 176 -33.39 4.16 2.48
C GLY B 176 -32.91 5.27 1.57
N GLU B 177 -33.72 6.31 1.42
CA GLU B 177 -33.34 7.45 0.60
C GLU B 177 -32.16 8.18 1.24
N HIS B 178 -31.30 8.75 0.41
CA HIS B 178 -30.26 9.62 0.92
C HIS B 178 -30.88 10.96 1.33
N GLY B 179 -31.23 11.07 2.60
CA GLY B 179 -31.94 12.24 3.10
C GLY B 179 -32.60 11.89 4.44
N ASP B 180 -33.62 12.66 4.81
CA ASP B 180 -34.16 12.65 6.16
C ASP B 180 -34.93 11.38 6.54
N THR B 181 -35.39 10.60 5.57
CA THR B 181 -36.07 9.37 5.92
C THR B 181 -35.17 8.12 5.97
N GLU B 182 -33.85 8.28 5.76
CA GLU B 182 -32.94 7.16 5.87
C GLU B 182 -33.05 6.57 7.29
N LEU B 183 -32.80 5.26 7.45
CA LEU B 183 -32.98 4.62 8.77
C LEU B 183 -31.83 3.70 9.13
N PRO B 184 -31.51 3.60 10.43
CA PRO B 184 -30.50 2.63 10.88
C PRO B 184 -31.08 1.21 10.94
N VAL B 185 -30.32 0.19 10.59
CA VAL B 185 -30.81 -1.17 10.74
C VAL B 185 -30.30 -1.77 12.06
N TRP B 186 -30.81 -1.25 13.17
CA TRP B 186 -30.39 -1.68 14.50
C TRP B 186 -30.55 -3.19 14.66
N SER B 187 -31.55 -3.75 14.00
CA SER B 187 -31.85 -5.17 14.16
C SER B 187 -30.69 -6.08 13.73
N HIS B 188 -29.83 -5.58 12.84
CA HIS B 188 -28.71 -6.35 12.30
C HIS B 188 -27.37 -5.72 12.63
N ALA B 189 -27.40 -4.64 13.38
CA ALA B 189 -26.16 -4.02 13.81
C ALA B 189 -25.46 -4.95 14.84
N ASN B 190 -24.19 -5.28 14.60
CA ASN B 190 -23.43 -6.24 15.44
C ASN B 190 -21.90 -6.03 15.47
N VAL B 191 -21.30 -6.18 16.66
CA VAL B 191 -19.85 -6.08 16.80
C VAL B 191 -19.19 -7.45 16.96
N GLY B 192 -18.25 -7.76 16.07
CA GLY B 192 -17.66 -9.07 16.03
C GLY B 192 -18.70 -10.17 15.88
N GLY B 193 -19.92 -9.79 15.53
CA GLY B 193 -21.00 -10.76 15.43
C GLY B 193 -21.95 -10.74 16.62
N VAL B 194 -21.69 -9.84 17.57
CA VAL B 194 -22.54 -9.71 18.73
C VAL B 194 -23.55 -8.60 18.51
N PRO B 195 -24.85 -8.92 18.53
CA PRO B 195 -25.88 -7.90 18.30
C PRO B 195 -25.74 -6.71 19.22
N VAL B 196 -25.94 -5.52 18.67
CA VAL B 196 -25.88 -4.28 19.45
C VAL B 196 -26.83 -4.30 20.63
N SER B 197 -28.02 -4.87 20.46
CA SER B 197 -29.00 -4.92 21.56
C SER B 197 -28.46 -5.76 22.72
N GLU B 198 -27.79 -6.87 22.42
CA GLU B 198 -27.13 -7.66 23.47
C GLU B 198 -26.06 -6.83 24.20
N LEU B 199 -25.20 -6.15 23.44
CA LEU B 199 -24.11 -5.36 24.02
C LEU B 199 -24.66 -4.29 24.95
N VAL B 200 -25.82 -3.75 24.58
CA VAL B 200 -26.43 -2.70 25.36
C VAL B 200 -26.95 -3.30 26.65
N GLU B 201 -27.72 -4.38 26.49
CA GLU B 201 -28.38 -5.03 27.62
C GLU B 201 -27.40 -5.38 28.75
N LYS B 202 -26.22 -5.86 28.38
CA LYS B 202 -25.34 -6.51 29.35
C LYS B 202 -24.07 -5.71 29.72
N ASN B 203 -24.06 -4.43 29.40
CA ASN B 203 -23.02 -3.50 29.83
C ASN B 203 -23.65 -2.12 29.99
N ASP B 204 -23.74 -1.58 31.20
CA ASP B 204 -24.40 -0.28 31.32
C ASP B 204 -23.49 0.90 31.01
N ALA B 205 -22.29 0.62 30.50
CA ALA B 205 -21.46 1.66 29.90
C ALA B 205 -21.92 1.92 28.46
N TYR B 206 -22.78 1.04 27.96
CA TYR B 206 -23.33 1.13 26.61
C TYR B 206 -24.81 1.46 26.67
N LYS B 207 -25.16 2.71 26.42
CA LYS B 207 -26.55 3.14 26.55
C LYS B 207 -27.23 3.37 25.20
N GLN B 208 -28.55 3.21 25.20
CA GLN B 208 -29.37 3.37 24.00
C GLN B 208 -29.29 4.77 23.39
N GLU B 209 -29.53 5.77 24.22
CA GLU B 209 -29.61 7.15 23.73
C GLU B 209 -28.27 7.64 23.23
N GLU B 210 -27.21 7.16 23.88
CA GLU B 210 -25.85 7.30 23.37
C GLU B 210 -25.83 6.83 21.90
N LEU B 211 -26.36 5.63 21.64
CA LEU B 211 -26.41 5.09 20.28
C LEU B 211 -27.32 5.89 19.36
N ASP B 212 -28.55 6.17 19.81
CA ASP B 212 -29.48 7.00 19.02
C ASP B 212 -28.82 8.33 18.67
N GLN B 213 -28.03 8.84 19.60
CA GLN B 213 -27.37 10.11 19.38
C GLN B 213 -26.38 9.99 18.22
N ILE B 214 -25.72 8.84 18.12
CA ILE B 214 -24.84 8.59 16.98
C ILE B 214 -25.62 8.73 15.68
N VAL B 215 -26.90 8.32 15.69
CA VAL B 215 -27.78 8.38 14.53
C VAL B 215 -28.26 9.81 14.23
N ASP B 216 -28.53 10.56 15.30
CA ASP B 216 -28.99 11.95 15.17
C ASP B 216 -27.92 12.78 14.48
N ASP B 217 -26.68 12.55 14.87
CA ASP B 217 -25.55 13.29 14.37
C ASP B 217 -25.22 12.93 12.90
N VAL B 218 -25.19 11.64 12.60
CA VAL B 218 -25.03 11.18 11.23
C VAL B 218 -25.96 11.90 10.26
N LYS B 219 -27.25 11.97 10.63
CA LYS B 219 -28.25 12.55 9.74
C LYS B 219 -28.17 14.07 9.58
N ASN B 220 -27.48 14.75 10.50
CA ASN B 220 -27.42 16.21 10.48
C ASN B 220 -26.03 16.73 10.14
N ALA B 221 -25.11 15.81 9.85
CA ALA B 221 -23.71 16.15 9.68
C ALA B 221 -23.52 17.12 8.51
N ALA B 222 -24.20 16.86 7.40
CA ALA B 222 -24.07 17.72 6.23
C ALA B 222 -24.55 19.13 6.54
N TYR B 223 -25.74 19.21 7.12
CA TYR B 223 -26.34 20.49 7.46
C TYR B 223 -25.42 21.35 8.34
N HIS B 224 -24.76 20.71 9.32
CA HIS B 224 -23.85 21.44 10.20
C HIS B 224 -22.56 21.89 9.50
N ILE B 225 -22.03 21.07 8.60
CA ILE B 225 -20.87 21.47 7.83
C ILE B 225 -21.25 22.68 6.99
N ILE B 226 -22.40 22.58 6.33
CA ILE B 226 -22.92 23.66 5.49
C ILE B 226 -23.06 24.97 6.28
N GLU B 227 -23.61 24.89 7.49
CA GLU B 227 -23.74 26.06 8.37
C GLU B 227 -22.44 26.83 8.49
N LYS B 228 -21.33 26.13 8.71
CA LYS B 228 -20.07 26.78 9.06
C LYS B 228 -19.18 27.10 7.87
N LYS B 229 -19.40 26.43 6.74
CA LYS B 229 -18.46 26.53 5.63
C LYS B 229 -19.12 26.87 4.30
N GLY B 230 -20.44 26.85 4.25
CA GLY B 230 -21.15 27.23 3.05
C GLY B 230 -21.54 26.05 2.17
N ALA B 231 -20.73 25.00 2.21
CA ALA B 231 -21.03 23.79 1.44
C ALA B 231 -20.22 22.59 1.94
N THR B 232 -20.53 21.42 1.39
CA THR B 232 -19.88 20.20 1.83
C THR B 232 -19.38 19.43 0.61
N TYR B 233 -18.15 18.91 0.65
CA TYR B 233 -17.65 18.21 -0.53
C TYR B 233 -16.56 17.17 -0.32
N TYR B 234 -15.80 17.28 0.75
CA TYR B 234 -14.74 16.32 1.01
C TYR B 234 -15.28 14.91 1.31
N GLY B 235 -16.33 14.83 2.11
CA GLY B 235 -16.93 13.55 2.43
C GLY B 235 -17.56 12.89 1.21
N VAL B 236 -18.35 13.65 0.48
CA VAL B 236 -18.96 13.17 -0.77
C VAL B 236 -17.88 12.63 -1.69
N ALA B 237 -16.82 13.42 -1.89
CA ALA B 237 -15.70 13.02 -2.74
C ALA B 237 -15.08 11.70 -2.32
N MET B 238 -14.88 11.51 -1.00
CA MET B 238 -14.33 10.26 -0.49
C MET B 238 -15.27 9.08 -0.73
N SER B 239 -16.56 9.28 -0.52
CA SER B 239 -17.50 8.20 -0.73
C SER B 239 -17.48 7.78 -2.21
N LEU B 240 -17.38 8.77 -3.10
CA LEU B 240 -17.32 8.48 -4.54
C LEU B 240 -16.03 7.74 -4.91
N ALA B 241 -14.91 8.14 -4.31
CA ALA B 241 -13.65 7.46 -4.55
C ALA B 241 -13.72 6.02 -4.06
N ARG B 242 -14.39 5.83 -2.93
CA ARG B 242 -14.53 4.49 -2.35
C ARG B 242 -15.33 3.57 -3.30
N ILE B 243 -16.48 4.06 -3.78
CA ILE B 243 -17.28 3.29 -4.72
C ILE B 243 -16.51 3.00 -6.03
N THR B 244 -15.83 4.01 -6.55
CA THR B 244 -15.02 3.84 -7.76
C THR B 244 -13.96 2.73 -7.61
N LYS B 245 -13.31 2.69 -6.45
CA LYS B 245 -12.31 1.70 -6.15
C LYS B 245 -12.90 0.29 -6.11
N ALA B 246 -14.07 0.17 -5.49
CA ALA B 246 -14.75 -1.11 -5.42
C ALA B 246 -15.06 -1.60 -6.83
N ILE B 247 -15.36 -0.67 -7.74
CA ILE B 247 -15.66 -1.06 -9.12
C ILE B 247 -14.38 -1.41 -9.89
N LEU B 248 -13.45 -0.47 -9.94
CA LEU B 248 -12.26 -0.64 -10.79
C LEU B 248 -11.41 -1.83 -10.37
N HIS B 249 -11.46 -2.16 -9.08
CA HIS B 249 -10.62 -3.25 -8.58
C HIS B 249 -11.40 -4.48 -8.21
N ASN B 250 -12.64 -4.53 -8.67
CA ASN B 250 -13.44 -5.74 -8.59
C ASN B 250 -13.47 -6.30 -7.16
N GLU B 251 -13.73 -5.44 -6.18
CA GLU B 251 -13.63 -5.81 -4.77
C GLU B 251 -14.76 -6.66 -4.23
N ASN B 252 -15.93 -6.58 -4.85
CA ASN B 252 -17.12 -7.20 -4.27
C ASN B 252 -17.40 -6.66 -2.85
N SER B 253 -17.08 -5.39 -2.62
CA SER B 253 -17.39 -4.74 -1.36
C SER B 253 -18.91 -4.53 -1.21
N ILE B 254 -19.42 -4.72 0.00
CA ILE B 254 -20.82 -4.41 0.27
C ILE B 254 -20.98 -2.95 0.65
N LEU B 255 -21.75 -2.21 -0.13
CA LEU B 255 -21.92 -0.78 0.09
C LEU B 255 -23.40 -0.40 -0.10
N THR B 256 -23.88 0.56 0.67
CA THR B 256 -25.28 0.98 0.56
C THR B 256 -25.48 2.00 -0.56
N VAL B 257 -25.09 1.62 -1.76
CA VAL B 257 -25.27 2.47 -2.92
C VAL B 257 -26.76 2.50 -3.32
N SER B 258 -27.15 3.52 -4.08
CA SER B 258 -28.47 3.55 -4.70
C SER B 258 -28.58 2.38 -5.67
N THR B 259 -29.62 1.56 -5.47
CA THR B 259 -29.77 0.30 -6.17
C THR B 259 -31.22 0.06 -6.60
N TYR B 260 -31.42 -0.51 -7.78
CA TYR B 260 -32.78 -0.75 -8.22
C TYR B 260 -33.43 -1.95 -7.52
N LEU B 261 -34.59 -1.72 -6.89
CA LEU B 261 -35.35 -2.81 -6.27
C LEU B 261 -36.63 -3.11 -7.08
N ASP B 262 -36.89 -4.39 -7.30
CA ASP B 262 -38.16 -4.83 -7.86
C ASP B 262 -38.76 -5.92 -6.97
N GLY B 263 -39.24 -5.55 -5.80
CA GLY B 263 -39.78 -6.51 -4.86
C GLY B 263 -39.00 -6.68 -3.56
N GLN B 264 -37.67 -6.66 -3.62
CA GLN B 264 -36.92 -6.79 -2.37
C GLN B 264 -37.35 -5.75 -1.35
N TYR B 265 -37.33 -6.15 -0.08
CA TYR B 265 -37.77 -5.30 1.02
C TYR B 265 -39.20 -4.81 0.81
N GLY B 266 -39.94 -5.44 -0.11
CA GLY B 266 -41.31 -5.01 -0.39
C GLY B 266 -41.43 -3.69 -1.15
N ALA B 267 -40.34 -3.25 -1.79
CA ALA B 267 -40.39 -2.03 -2.58
C ALA B 267 -40.26 -2.34 -4.06
N ASP B 268 -40.96 -1.59 -4.91
CA ASP B 268 -40.87 -1.86 -6.35
C ASP B 268 -40.57 -0.62 -7.16
N ASP B 269 -39.85 -0.83 -8.26
CA ASP B 269 -39.56 0.18 -9.24
C ASP B 269 -39.02 1.47 -8.62
N VAL B 270 -37.91 1.35 -7.91
CA VAL B 270 -37.31 2.51 -7.25
C VAL B 270 -35.81 2.22 -7.04
N TYR B 271 -34.98 3.26 -7.20
CA TYR B 271 -33.58 3.19 -6.80
C TYR B 271 -33.51 3.73 -5.40
N ILE B 272 -32.80 3.04 -4.52
CA ILE B 272 -32.78 3.44 -3.11
C ILE B 272 -31.56 2.76 -2.42
N GLY B 273 -31.12 3.31 -1.30
CA GLY B 273 -29.93 2.83 -0.61
C GLY B 273 -30.20 1.51 0.13
N VAL B 274 -29.54 0.43 -0.31
CA VAL B 274 -29.49 -0.85 0.40
C VAL B 274 -28.10 -1.44 0.22
N PRO B 275 -27.71 -2.40 1.10
CA PRO B 275 -26.39 -3.03 1.00
C PRO B 275 -26.35 -3.90 -0.25
N ALA B 276 -25.42 -3.58 -1.13
CA ALA B 276 -25.33 -4.26 -2.40
C ALA B 276 -23.87 -4.63 -2.62
N VAL B 277 -23.62 -5.76 -3.27
CA VAL B 277 -22.25 -6.17 -3.62
C VAL B 277 -21.80 -5.42 -4.87
N VAL B 278 -20.72 -4.67 -4.74
CA VAL B 278 -20.18 -3.89 -5.83
C VAL B 278 -18.88 -4.47 -6.41
N ASN B 279 -18.85 -4.75 -7.70
CA ASN B 279 -17.60 -5.17 -8.33
C ASN B 279 -17.44 -4.60 -9.75
N ARG B 280 -16.52 -5.17 -10.53
CA ARG B 280 -16.18 -4.59 -11.82
C ARG B 280 -17.36 -4.55 -12.79
N GLY B 281 -18.32 -5.47 -12.64
CA GLY B 281 -19.53 -5.43 -13.42
C GLY B 281 -20.62 -4.52 -12.86
N GLY B 282 -20.34 -3.82 -11.78
CA GLY B 282 -21.37 -3.00 -11.13
C GLY B 282 -22.00 -3.71 -9.93
N ILE B 283 -23.33 -3.80 -9.92
CA ILE B 283 -24.03 -4.45 -8.82
C ILE B 283 -24.00 -5.97 -9.05
N ALA B 284 -23.38 -6.72 -8.14
CA ALA B 284 -23.27 -8.17 -8.32
C ALA B 284 -24.31 -8.92 -7.52
N GLY B 285 -25.04 -8.20 -6.66
CA GLY B 285 -25.98 -8.86 -5.76
C GLY B 285 -26.52 -7.87 -4.75
N ILE B 286 -27.71 -8.17 -4.23
CA ILE B 286 -28.35 -7.33 -3.26
C ILE B 286 -28.53 -8.07 -1.94
N THR B 287 -28.00 -7.49 -0.87
CA THR B 287 -28.15 -8.05 0.46
C THR B 287 -29.54 -7.77 1.00
N GLU B 288 -30.28 -8.83 1.29
CA GLU B 288 -31.65 -8.67 1.78
C GLU B 288 -31.76 -8.91 3.27
N LEU B 289 -31.64 -7.85 4.06
CA LEU B 289 -31.70 -7.97 5.50
C LEU B 289 -33.15 -8.22 5.91
N ASN B 290 -33.34 -9.04 6.93
CA ASN B 290 -34.67 -9.36 7.45
C ASN B 290 -35.12 -8.27 8.42
N LEU B 291 -35.71 -7.20 7.89
CA LEU B 291 -36.01 -6.04 8.71
C LEU B 291 -37.06 -6.37 9.77
N ASN B 292 -36.95 -5.77 10.95
CA ASN B 292 -38.01 -5.93 11.91
C ASN B 292 -39.21 -5.04 11.53
N GLU B 293 -40.26 -5.05 12.32
CA GLU B 293 -41.51 -4.41 11.90
C GLU B 293 -41.41 -2.90 11.82
N LYS B 294 -40.76 -2.29 12.78
CA LYS B 294 -40.48 -0.86 12.76
C LYS B 294 -39.64 -0.47 11.53
N GLU B 295 -38.57 -1.23 11.25
CA GLU B 295 -37.66 -0.94 10.15
C GLU B 295 -38.36 -1.07 8.80
N LYS B 296 -39.23 -2.05 8.71
CA LYS B 296 -39.93 -2.32 7.47
C LYS B 296 -40.87 -1.14 7.11
N GLU B 297 -41.55 -0.61 8.11
CA GLU B 297 -42.44 0.53 7.94
C GLU B 297 -41.65 1.78 7.55
N GLN B 298 -40.58 2.06 8.30
CA GLN B 298 -39.68 3.16 7.96
C GLN B 298 -39.15 3.04 6.52
N PHE B 299 -38.76 1.84 6.11
CA PHE B 299 -38.17 1.66 4.80
C PHE B 299 -39.20 1.87 3.69
N LEU B 300 -40.40 1.31 3.84
CA LEU B 300 -41.44 1.51 2.84
C LEU B 300 -41.89 2.98 2.78
N HIS B 301 -41.87 3.68 3.90
CA HIS B 301 -42.10 5.12 3.85
C HIS B 301 -41.00 5.80 3.03
N SER B 302 -39.74 5.41 3.25
CA SER B 302 -38.61 6.02 2.55
C SER B 302 -38.71 5.75 1.04
N ALA B 303 -39.09 4.53 0.68
CA ALA B 303 -39.28 4.22 -0.74
C ALA B 303 -40.46 5.03 -1.31
N GLY B 304 -41.48 5.25 -0.49
CA GLY B 304 -42.66 6.00 -0.92
C GLY B 304 -42.37 7.48 -1.21
N VAL B 305 -41.56 8.08 -0.34
CA VAL B 305 -41.12 9.45 -0.51
C VAL B 305 -40.42 9.61 -1.87
N LEU B 306 -39.61 8.61 -2.25
CA LEU B 306 -38.95 8.64 -3.56
C LEU B 306 -39.92 8.47 -4.70
N LYS B 307 -40.84 7.50 -4.56
CA LYS B 307 -41.83 7.30 -5.61
C LYS B 307 -42.78 8.50 -5.82
N ASN B 308 -43.04 9.28 -4.77
CA ASN B 308 -43.84 10.50 -4.92
C ASN B 308 -43.15 11.52 -5.84
N ILE B 309 -41.82 11.53 -5.81
CA ILE B 309 -41.06 12.39 -6.70
C ILE B 309 -40.94 11.82 -8.12
N LEU B 310 -40.79 10.50 -8.25
CA LEU B 310 -40.67 9.89 -9.57
C LEU B 310 -41.98 9.94 -10.35
N LYS B 311 -43.08 9.75 -9.64
CA LYS B 311 -44.38 9.55 -10.29
C LYS B 311 -44.76 10.66 -11.33
N PRO B 312 -44.64 11.94 -10.95
CA PRO B 312 -44.97 13.00 -11.92
C PRO B 312 -44.02 13.06 -13.12
N HIS B 313 -42.84 12.44 -13.02
CA HIS B 313 -41.89 12.49 -14.13
C HIS B 313 -41.76 11.23 -14.96
N PHE B 314 -42.14 10.09 -14.42
CA PHE B 314 -42.00 8.82 -15.12
C PHE B 314 -43.29 8.02 -15.02
N ALA B 315 -43.62 7.28 -16.06
CA ALA B 315 -44.78 6.39 -16.03
C ALA B 315 -44.48 5.11 -15.25
N ASN C 2 5.25 2.96 24.75
CA ASN C 2 4.54 4.14 24.24
C ASN C 2 5.16 4.66 22.95
N LYS C 3 4.60 4.25 21.80
CA LYS C 3 5.16 4.60 20.49
C LYS C 3 4.87 6.05 20.08
N HIS C 4 5.77 6.63 19.29
CA HIS C 4 5.62 8.01 18.88
C HIS C 4 4.37 8.24 18.00
N VAL C 5 3.63 9.29 18.33
CA VAL C 5 2.47 9.70 17.58
C VAL C 5 2.88 10.86 16.69
N ASN C 6 2.77 10.69 15.38
CA ASN C 6 3.12 11.76 14.45
C ASN C 6 2.04 12.84 14.44
N LYS C 7 2.44 14.10 14.58
CA LYS C 7 1.46 15.17 14.68
C LYS C 7 1.83 16.39 13.85
N VAL C 8 0.88 16.85 13.04
CA VAL C 8 1.10 17.99 12.17
C VAL C 8 0.15 19.11 12.57
N ALA C 9 0.66 20.33 12.65
CA ALA C 9 -0.17 21.51 12.89
C ALA C 9 -0.14 22.34 11.62
N LEU C 10 -1.32 22.66 11.11
CA LEU C 10 -1.46 23.42 9.88
C LEU C 10 -1.93 24.82 10.19
N ILE C 11 -1.22 25.81 9.69
CA ILE C 11 -1.61 27.20 9.92
C ILE C 11 -2.03 27.87 8.61
N GLY C 12 -3.32 28.16 8.48
CA GLY C 12 -3.86 28.72 7.26
C GLY C 12 -4.69 27.69 6.52
N ALA C 13 -6.00 27.75 6.66
CA ALA C 13 -6.90 26.82 6.01
C ALA C 13 -7.51 27.40 4.73
N GLY C 14 -6.69 28.05 3.92
CA GLY C 14 -7.15 28.49 2.61
C GLY C 14 -7.16 27.31 1.67
N PHE C 15 -7.16 27.60 0.38
CA PHE C 15 -7.11 26.56 -0.63
C PHE C 15 -5.88 25.67 -0.53
N VAL C 16 -4.71 26.26 -0.30
CA VAL C 16 -3.50 25.44 -0.16
C VAL C 16 -3.60 24.54 1.09
N GLY C 17 -3.87 25.13 2.24
CA GLY C 17 -3.97 24.38 3.49
C GLY C 17 -5.02 23.27 3.52
N SER C 18 -6.24 23.62 3.16
CA SER C 18 -7.31 22.63 3.00
C SER C 18 -6.92 21.45 2.09
N SER C 19 -6.38 21.76 0.92
CA SER C 19 -5.95 20.72 -0.02
C SER C 19 -4.80 19.90 0.56
N TYR C 20 -3.89 20.58 1.24
CA TYR C 20 -2.76 19.92 1.90
C TYR C 20 -3.28 18.92 2.94
N ALA C 21 -4.26 19.34 3.72
CA ALA C 21 -4.93 18.46 4.68
C ALA C 21 -5.59 17.24 4.00
N PHE C 22 -6.31 17.50 2.92
CA PHE C 22 -7.03 16.44 2.18
C PHE C 22 -6.03 15.44 1.67
N ALA C 23 -4.90 15.94 1.18
CA ALA C 23 -3.82 15.05 0.75
C ALA C 23 -3.21 14.21 1.87
N LEU C 24 -3.01 14.80 3.06
CA LEU C 24 -2.41 14.02 4.15
C LEU C 24 -3.36 12.89 4.49
N ILE C 25 -4.64 13.20 4.49
CA ILE C 25 -5.66 12.23 4.84
C ILE C 25 -5.79 11.13 3.79
N ASN C 26 -5.74 11.50 2.51
CA ASN C 26 -5.86 10.52 1.45
C ASN C 26 -4.65 9.61 1.35
N GLN C 27 -3.47 10.14 1.71
CA GLN C 27 -2.24 9.34 1.66
C GLN C 27 -1.85 8.62 2.96
N GLY C 28 -2.57 8.90 4.05
CA GLY C 28 -2.25 8.29 5.34
C GLY C 28 -0.87 8.64 5.88
N ILE C 29 -0.53 9.93 5.81
CA ILE C 29 0.84 10.37 6.09
C ILE C 29 1.11 10.69 7.57
N THR C 30 0.15 11.31 8.23
CA THR C 30 0.28 11.66 9.65
C THR C 30 -0.73 10.92 10.52
N ASP C 31 -0.48 10.89 11.83
CA ASP C 31 -1.41 10.27 12.76
C ASP C 31 -2.45 11.29 13.21
N GLU C 32 -2.00 12.54 13.37
CA GLU C 32 -2.88 13.59 13.85
C GLU C 32 -2.63 14.87 13.11
N LEU C 33 -3.68 15.66 12.99
CA LEU C 33 -3.61 16.92 12.27
C LEU C 33 -4.52 17.90 12.98
N VAL C 34 -3.98 19.08 13.28
CA VAL C 34 -4.79 20.11 13.88
C VAL C 34 -4.78 21.31 12.96
N VAL C 35 -5.93 21.97 12.82
CA VAL C 35 -6.05 23.05 11.86
C VAL C 35 -6.31 24.38 12.57
N ILE C 36 -5.50 25.38 12.21
CA ILE C 36 -5.54 26.68 12.86
C ILE C 36 -5.72 27.80 11.85
N ASP C 37 -6.70 28.66 12.07
CA ASP C 37 -6.89 29.83 11.20
C ASP C 37 -7.56 30.98 11.94
N VAL C 38 -7.19 32.21 11.61
CA VAL C 38 -7.82 33.40 12.19
C VAL C 38 -9.33 33.40 11.96
N ASN C 39 -9.74 32.81 10.84
CA ASN C 39 -11.16 32.62 10.57
C ASN C 39 -11.62 31.31 11.20
N LYS C 40 -12.04 31.39 12.45
CA LYS C 40 -12.41 30.20 13.21
C LYS C 40 -13.46 29.35 12.50
N GLU C 41 -14.53 29.99 12.04
CA GLU C 41 -15.64 29.26 11.43
C GLU C 41 -15.23 28.46 10.19
N LYS C 42 -14.34 29.03 9.37
CA LYS C 42 -13.91 28.32 8.18
C LYS C 42 -13.08 27.09 8.54
N ALA C 43 -12.09 27.29 9.41
CA ALA C 43 -11.25 26.18 9.84
C ALA C 43 -12.11 25.10 10.47
N MET C 44 -13.09 25.53 11.27
CA MET C 44 -14.05 24.62 11.90
C MET C 44 -14.85 23.82 10.87
N GLY C 45 -15.41 24.52 9.89
CA GLY C 45 -16.13 23.87 8.81
C GLY C 45 -15.25 22.89 8.05
N ASP C 46 -14.02 23.32 7.74
CA ASP C 46 -13.12 22.48 6.97
C ASP C 46 -12.81 21.19 7.70
N VAL C 47 -12.48 21.29 8.98
CA VAL C 47 -12.22 20.12 9.81
C VAL C 47 -13.40 19.16 9.78
N MET C 48 -14.61 19.70 9.88
CA MET C 48 -15.81 18.87 9.90
C MET C 48 -15.99 18.14 8.54
N ASP C 49 -15.77 18.86 7.46
CA ASP C 49 -15.87 18.29 6.12
C ASP C 49 -14.81 17.21 5.93
N LEU C 50 -13.58 17.49 6.36
CA LEU C 50 -12.49 16.54 6.28
C LEU C 50 -12.75 15.27 7.10
N ASN C 51 -13.43 15.43 8.23
CA ASN C 51 -13.78 14.27 9.06
C ASN C 51 -15.03 13.55 8.56
N HIS C 52 -15.86 14.25 7.80
CA HIS C 52 -17.08 13.65 7.27
C HIS C 52 -16.79 12.31 6.62
N GLY C 53 -15.78 12.28 5.76
CA GLY C 53 -15.42 11.07 5.05
C GLY C 53 -14.31 10.27 5.72
N LYS C 54 -14.11 10.50 7.01
CA LYS C 54 -13.02 9.85 7.76
C LYS C 54 -12.98 8.34 7.58
N ALA C 55 -14.15 7.70 7.62
CA ALA C 55 -14.23 6.24 7.55
C ALA C 55 -13.59 5.67 6.27
N PHE C 56 -13.50 6.48 5.22
CA PHE C 56 -12.93 5.99 3.96
C PHE C 56 -11.40 6.17 3.83
N ALA C 57 -10.80 6.87 4.77
CA ALA C 57 -9.35 7.09 4.71
C ALA C 57 -8.61 5.76 4.83
N PRO C 58 -7.52 5.61 4.08
CA PRO C 58 -6.73 4.37 4.09
C PRO C 58 -6.16 4.07 5.48
N GLN C 59 -5.80 5.10 6.22
CA GLN C 59 -5.28 4.92 7.57
C GLN C 59 -5.99 5.86 8.53
N PRO C 60 -6.08 5.46 9.80
CA PRO C 60 -6.67 6.37 10.78
C PRO C 60 -5.83 7.64 10.93
N VAL C 61 -6.54 8.77 10.95
CA VAL C 61 -5.91 10.05 11.18
C VAL C 61 -6.90 10.86 11.97
N LYS C 62 -6.46 11.40 13.09
CA LYS C 62 -7.30 12.26 13.90
C LYS C 62 -7.12 13.70 13.46
N THR C 63 -8.18 14.30 12.93
CA THR C 63 -8.12 15.68 12.48
C THR C 63 -9.00 16.55 13.36
N SER C 64 -8.44 17.66 13.85
CA SER C 64 -9.21 18.54 14.73
C SER C 64 -8.96 20.02 14.47
N TYR C 65 -9.92 20.84 14.88
CA TYR C 65 -9.71 22.27 14.93
C TYR C 65 -8.89 22.64 16.16
N GLY C 66 -8.05 23.66 16.05
CA GLY C 66 -7.21 24.03 17.17
C GLY C 66 -6.76 25.47 17.19
N THR C 67 -5.96 25.79 18.21
CA THR C 67 -5.42 27.13 18.40
C THR C 67 -3.90 27.04 18.48
N TYR C 68 -3.24 28.18 18.53
CA TYR C 68 -1.77 28.21 18.53
C TYR C 68 -1.14 27.35 19.62
N GLU C 69 -1.80 27.27 20.76
CA GLU C 69 -1.25 26.51 21.87
C GLU C 69 -1.26 25.01 21.57
N ASP C 70 -2.04 24.61 20.57
CA ASP C 70 -2.12 23.20 20.21
C ASP C 70 -0.90 22.75 19.44
N CYS C 71 0.01 23.68 19.15
CA CYS C 71 1.27 23.35 18.49
C CYS C 71 2.31 22.76 19.42
N LYS C 72 2.07 22.84 20.72
CA LYS C 72 3.07 22.42 21.71
C LYS C 72 3.82 21.16 21.32
N ASP C 73 3.10 20.07 21.11
CA ASP C 73 3.73 18.78 20.81
C ASP C 73 3.71 18.38 19.33
N ALA C 74 3.50 19.35 18.45
CA ALA C 74 3.49 19.10 17.02
C ALA C 74 4.88 18.72 16.52
N ASP C 75 4.97 17.70 15.67
CA ASP C 75 6.24 17.39 15.04
C ASP C 75 6.53 18.43 13.97
N ILE C 76 5.46 18.87 13.30
CA ILE C 76 5.62 19.78 12.18
C ILE C 76 4.57 20.86 12.27
N VAL C 77 5.00 22.09 12.03
CA VAL C 77 4.07 23.19 11.90
C VAL C 77 4.19 23.63 10.45
N CYS C 78 3.10 23.55 9.71
CA CYS C 78 3.14 23.92 8.29
C CYS C 78 2.38 25.23 8.12
N ILE C 79 3.05 26.23 7.56
CA ILE C 79 2.44 27.55 7.44
C ILE C 79 2.00 27.84 6.02
N CYS C 80 0.69 27.93 5.83
CA CYS C 80 0.14 28.22 4.51
C CYS C 80 -0.56 29.56 4.51
N ALA C 81 -0.55 30.22 5.66
CA ALA C 81 -1.22 31.50 5.82
C ALA C 81 -0.41 32.64 5.21
N GLY C 82 -1.07 33.76 4.99
CA GLY C 82 -0.42 34.95 4.44
C GLY C 82 -1.38 35.78 3.62
N ALA C 83 -0.85 36.71 2.84
CA ALA C 83 -1.66 37.46 1.90
C ALA C 83 -1.37 36.96 0.48
N ASN C 84 -2.36 37.07 -0.39
CA ASN C 84 -2.22 36.61 -1.78
C ASN C 84 -2.24 37.75 -2.79
N LEU C 92 7.40 44.21 -3.50
CA LEU C 92 7.91 44.61 -2.18
C LEU C 92 6.76 44.87 -1.22
N GLU C 93 5.59 45.18 -1.78
CA GLU C 93 4.41 45.44 -0.98
C GLU C 93 4.01 44.19 -0.21
N LEU C 94 3.79 43.10 -0.95
CA LEU C 94 3.32 41.84 -0.39
C LEU C 94 4.30 41.29 0.64
N VAL C 95 5.59 41.33 0.31
CA VAL C 95 6.62 40.90 1.24
C VAL C 95 6.49 41.60 2.58
N GLU C 96 6.02 42.84 2.58
CA GLU C 96 5.82 43.58 3.81
C GLU C 96 4.69 43.00 4.65
N LYS C 97 3.49 42.89 4.07
CA LYS C 97 2.35 42.31 4.78
C LYS C 97 2.74 40.96 5.39
N ASN C 98 3.24 40.07 4.55
CA ASN C 98 3.55 38.71 4.96
C ASN C 98 4.66 38.62 6.00
N LEU C 99 5.67 39.46 5.87
CA LEU C 99 6.73 39.51 6.86
C LEU C 99 6.16 39.75 8.24
N LYS C 100 5.14 40.60 8.33
CA LYS C 100 4.52 40.90 9.61
C LYS C 100 3.64 39.76 10.09
N ILE C 101 2.79 39.26 9.21
CA ILE C 101 1.92 38.12 9.53
C ILE C 101 2.73 36.97 10.12
N PHE C 102 3.86 36.66 9.49
CA PHE C 102 4.71 35.58 9.97
C PHE C 102 5.25 35.86 11.36
N LYS C 103 5.64 37.12 11.58
CA LYS C 103 6.19 37.51 12.87
C LYS C 103 5.23 37.14 14.01
N GLY C 104 3.97 37.52 13.85
CA GLY C 104 2.97 37.21 14.86
C GLY C 104 2.68 35.72 14.97
N ILE C 105 2.70 35.03 13.83
CA ILE C 105 2.45 33.60 13.79
C ILE C 105 3.57 32.80 14.47
N VAL C 106 4.81 33.02 14.05
CA VAL C 106 5.93 32.32 14.67
C VAL C 106 6.00 32.64 16.17
N SER C 107 5.77 33.90 16.50
CA SER C 107 5.76 34.32 17.90
C SER C 107 4.76 33.50 18.70
N GLU C 108 3.53 33.39 18.21
CA GLU C 108 2.50 32.62 18.92
C GLU C 108 2.83 31.13 19.00
N VAL C 109 3.44 30.59 17.94
CA VAL C 109 3.77 29.17 17.92
C VAL C 109 4.88 28.88 18.93
N MET C 110 5.94 29.66 18.87
CA MET C 110 7.07 29.48 19.79
C MET C 110 6.63 29.67 21.23
N ALA C 111 5.65 30.53 21.46
CA ALA C 111 5.12 30.78 22.80
C ALA C 111 4.37 29.59 23.37
N SER C 112 4.07 28.60 22.54
CA SER C 112 3.28 27.45 23.00
C SER C 112 4.19 26.35 23.48
N GLY C 113 5.48 26.48 23.17
CA GLY C 113 6.44 25.46 23.56
C GLY C 113 6.81 24.51 22.45
N PHE C 114 6.34 24.84 21.23
CA PHE C 114 6.64 24.04 20.05
C PHE C 114 8.15 23.90 19.91
N ASP C 115 8.62 22.67 19.68
CA ASP C 115 10.04 22.43 19.49
C ASP C 115 10.27 21.43 18.35
N GLY C 116 9.58 21.66 17.24
CA GLY C 116 9.64 20.76 16.11
C GLY C 116 10.27 21.36 14.86
N ILE C 117 9.63 21.13 13.71
CA ILE C 117 10.13 21.62 12.44
C ILE C 117 9.07 22.51 11.79
N PHE C 118 9.50 23.64 11.24
CA PHE C 118 8.62 24.51 10.48
C PHE C 118 8.69 24.14 9.01
N LEU C 119 7.51 23.98 8.40
CA LEU C 119 7.43 23.81 6.94
C LEU C 119 6.71 25.02 6.35
N VAL C 120 7.42 25.78 5.53
CA VAL C 120 6.87 27.04 5.03
C VAL C 120 6.43 26.91 3.57
N ALA C 121 5.20 27.32 3.27
CA ALA C 121 4.70 27.21 1.89
C ALA C 121 4.39 28.55 1.23
N THR C 122 4.03 29.57 2.00
CA THR C 122 3.56 30.81 1.41
C THR C 122 4.66 31.63 0.71
N ASN C 123 4.31 32.26 -0.41
CA ASN C 123 5.29 32.99 -1.23
C ASN C 123 5.48 34.43 -0.80
N PRO C 124 6.70 34.97 -0.98
CA PRO C 124 7.88 34.32 -1.58
C PRO C 124 8.52 33.34 -0.62
N VAL C 125 8.58 32.06 -0.99
CA VAL C 125 8.92 31.01 -0.03
C VAL C 125 10.36 31.10 0.54
N ASP C 126 11.33 31.37 -0.32
CA ASP C 126 12.71 31.50 0.14
C ASP C 126 12.84 32.60 1.20
N ILE C 127 12.19 33.74 0.95
CA ILE C 127 12.23 34.88 1.84
C ILE C 127 11.57 34.60 3.18
N LEU C 128 10.34 34.08 3.12
CA LEU C 128 9.59 33.79 4.34
C LEU C 128 10.18 32.60 5.11
N THR C 129 10.98 31.77 4.44
CA THR C 129 11.67 30.69 5.15
C THR C 129 12.84 31.27 5.97
N TYR C 130 13.63 32.13 5.33
CA TYR C 130 14.67 32.88 6.02
C TYR C 130 14.10 33.62 7.23
N ALA C 131 12.99 34.34 6.99
CA ALA C 131 12.31 35.06 8.06
C ALA C 131 11.93 34.18 9.24
N THR C 132 11.24 33.07 8.94
CA THR C 132 10.81 32.12 9.95
C THR C 132 11.98 31.62 10.81
N TRP C 133 13.11 31.36 10.16
CA TRP C 133 14.30 30.95 10.89
C TRP C 133 14.70 32.04 11.88
N LYS C 134 14.68 33.28 11.41
CA LYS C 134 15.03 34.43 12.24
C LYS C 134 14.06 34.58 13.43
N PHE C 135 12.78 34.67 13.13
CA PHE C 135 11.76 34.91 14.16
C PHE C 135 11.69 33.80 15.21
N SER C 136 12.00 32.58 14.80
CA SER C 136 11.80 31.43 15.69
C SER C 136 13.00 31.14 16.56
N GLY C 137 14.19 31.41 16.03
CA GLY C 137 15.42 31.15 16.76
C GLY C 137 15.79 29.68 16.77
N LEU C 138 15.14 28.91 15.90
CA LEU C 138 15.44 27.48 15.81
C LEU C 138 16.70 27.25 14.97
N PRO C 139 17.31 26.08 15.12
CA PRO C 139 18.43 25.69 14.26
C PRO C 139 18.00 25.72 12.80
N LYS C 140 18.88 26.11 11.90
CA LYS C 140 18.50 26.32 10.49
C LYS C 140 18.08 25.01 9.82
N GLU C 141 18.43 23.88 10.43
CA GLU C 141 18.10 22.58 9.86
C GLU C 141 16.64 22.20 10.10
N ARG C 142 15.92 23.02 10.87
CA ARG C 142 14.57 22.69 11.31
C ARG C 142 13.55 23.72 10.85
N VAL C 143 13.98 24.63 10.00
CA VAL C 143 13.09 25.53 9.30
C VAL C 143 13.26 25.19 7.83
N ILE C 144 12.18 24.76 7.19
CA ILE C 144 12.23 24.25 5.82
C ILE C 144 11.16 24.89 4.93
N GLY C 145 11.56 25.28 3.73
CA GLY C 145 10.63 25.83 2.77
C GLY C 145 10.46 24.88 1.60
N SER C 146 9.29 24.94 0.95
CA SER C 146 8.99 24.06 -0.17
C SER C 146 9.96 24.24 -1.34
N GLY C 147 10.58 25.41 -1.40
CA GLY C 147 11.56 25.69 -2.43
C GLY C 147 11.10 25.38 -3.85
N THR C 148 11.93 24.64 -4.59
CA THR C 148 11.61 24.28 -5.96
C THR C 148 11.30 22.77 -6.09
N THR C 149 10.85 22.14 -5.00
CA THR C 149 10.56 20.70 -5.02
C THR C 149 9.52 20.34 -6.09
N LEU C 150 8.45 21.14 -6.16
CA LEU C 150 7.42 20.95 -7.17
C LEU C 150 7.98 21.02 -8.59
N ASP C 151 8.64 22.14 -8.90
CA ASP C 151 9.22 22.30 -10.24
C ASP C 151 10.23 21.20 -10.61
N SER C 152 11.01 20.75 -9.63
CA SER C 152 11.97 19.67 -9.89
C SER C 152 11.30 18.31 -10.12
N ALA C 153 10.20 18.05 -9.43
CA ALA C 153 9.51 16.78 -9.57
C ALA C 153 8.93 16.69 -10.99
N ARG C 154 8.33 17.79 -11.41
CA ARG C 154 7.76 17.92 -12.72
C ARG C 154 8.83 17.69 -13.79
N PHE C 155 9.90 18.48 -13.71
CA PHE C 155 11.02 18.38 -14.63
C PHE C 155 11.47 16.92 -14.70
N ARG C 156 11.59 16.31 -13.54
CA ARG C 156 12.03 14.93 -13.43
C ARG C 156 11.07 13.93 -14.13
N PHE C 157 9.76 14.15 -13.99
CA PHE C 157 8.75 13.28 -14.60
C PHE C 157 8.68 13.46 -16.12
N MET C 158 8.68 14.70 -16.57
CA MET C 158 8.63 14.98 -18.00
C MET C 158 9.78 14.27 -18.73
N LEU C 159 10.92 14.16 -18.05
CA LEU C 159 12.09 13.52 -18.63
C LEU C 159 11.99 11.99 -18.65
N SER C 160 11.30 11.39 -17.68
CA SER C 160 11.14 9.93 -17.68
C SER C 160 10.21 9.54 -18.83
N GLU C 161 9.32 10.45 -19.19
CA GLU C 161 8.50 10.24 -20.37
C GLU C 161 9.39 10.39 -21.60
N TYR C 162 9.96 11.58 -21.75
CA TYR C 162 10.76 11.92 -22.93
C TYR C 162 11.80 10.85 -23.33
N PHE C 163 12.55 10.37 -22.36
CA PHE C 163 13.58 9.36 -22.62
C PHE C 163 13.10 7.93 -22.35
N GLY C 164 11.87 7.80 -21.84
CA GLY C 164 11.22 6.51 -21.73
C GLY C 164 11.65 5.59 -20.59
N ALA C 165 11.94 6.16 -19.42
CA ALA C 165 12.27 5.35 -18.25
C ALA C 165 11.40 5.71 -17.05
N ALA C 166 11.50 4.92 -15.98
CA ALA C 166 10.78 5.23 -14.75
C ALA C 166 11.44 6.42 -14.07
N PRO C 167 10.64 7.32 -13.50
CA PRO C 167 11.15 8.50 -12.82
C PRO C 167 12.20 8.10 -11.79
N GLN C 168 12.07 6.89 -11.26
CA GLN C 168 12.98 6.39 -10.23
C GLN C 168 14.45 6.37 -10.68
N ASN C 169 14.68 6.09 -11.96
CA ASN C 169 16.03 6.03 -12.48
C ASN C 169 16.35 7.22 -13.40
N VAL C 170 15.82 8.37 -13.03
CA VAL C 170 16.02 9.61 -13.77
C VAL C 170 16.37 10.73 -12.81
N CYS C 171 17.37 11.52 -13.18
CA CYS C 171 17.91 12.53 -12.27
C CYS C 171 17.91 13.90 -12.94
N ALA C 172 17.34 14.87 -12.25
CA ALA C 172 17.24 16.23 -12.76
C ALA C 172 16.75 17.15 -11.65
N HIS C 173 17.46 18.25 -11.43
CA HIS C 173 17.06 19.18 -10.40
C HIS C 173 16.78 20.55 -10.99
N ILE C 174 15.89 21.28 -10.32
CA ILE C 174 15.72 22.70 -10.52
C ILE C 174 16.14 23.35 -9.20
N ILE C 175 17.10 24.26 -9.27
CA ILE C 175 17.60 24.93 -8.06
C ILE C 175 17.56 26.45 -8.18
N GLY C 176 17.87 27.13 -7.08
CA GLY C 176 17.82 28.59 -7.04
C GLY C 176 16.59 29.07 -6.32
N GLU C 177 16.27 30.34 -6.49
CA GLU C 177 15.05 30.92 -5.93
C GLU C 177 13.83 30.31 -6.61
N HIS C 178 12.78 30.08 -5.81
CA HIS C 178 11.50 29.66 -6.38
C HIS C 178 10.91 30.87 -7.09
N GLY C 179 11.13 30.93 -8.40
CA GLY C 179 10.72 32.08 -9.18
C GLY C 179 11.33 32.07 -10.57
N ASP C 180 11.31 33.24 -11.20
CA ASP C 180 11.80 33.36 -12.57
C ASP C 180 13.31 33.14 -12.66
N THR C 181 14.01 33.35 -11.56
CA THR C 181 15.46 33.21 -11.56
C THR C 181 15.93 31.79 -11.22
N GLU C 182 14.99 30.86 -11.06
CA GLU C 182 15.35 29.47 -10.82
C GLU C 182 15.95 28.88 -12.10
N LEU C 183 16.72 27.79 -11.96
CA LEU C 183 17.49 27.28 -13.08
C LEU C 183 17.60 25.77 -13.05
N PRO C 184 17.72 25.15 -14.24
CA PRO C 184 17.91 23.70 -14.38
C PRO C 184 19.38 23.33 -14.27
N VAL C 185 19.67 22.20 -13.66
CA VAL C 185 21.04 21.74 -13.55
C VAL C 185 21.34 20.72 -14.62
N TRP C 186 21.39 21.20 -15.86
CA TRP C 186 21.61 20.33 -17.01
C TRP C 186 22.87 19.48 -16.88
N SER C 187 23.90 20.05 -16.27
CA SER C 187 25.20 19.38 -16.18
C SER C 187 25.14 18.04 -15.43
N HIS C 188 24.10 17.84 -14.63
CA HIS C 188 24.01 16.63 -13.82
C HIS C 188 22.76 15.79 -14.12
N ALA C 189 21.92 16.29 -15.01
CA ALA C 189 20.75 15.55 -15.47
C ALA C 189 21.16 14.26 -16.17
N ASN C 190 20.78 13.11 -15.60
CA ASN C 190 21.13 11.80 -16.16
C ASN C 190 20.00 10.79 -16.16
N VAL C 191 20.05 9.84 -17.09
CA VAL C 191 19.01 8.83 -17.24
C VAL C 191 19.59 7.42 -17.12
N GLY C 192 19.33 6.78 -15.98
CA GLY C 192 19.86 5.44 -15.73
C GLY C 192 21.36 5.42 -15.53
N GLY C 193 21.94 6.62 -15.36
CA GLY C 193 23.38 6.76 -15.26
C GLY C 193 23.96 7.58 -16.40
N VAL C 194 23.25 7.59 -17.54
CA VAL C 194 23.71 8.25 -18.77
C VAL C 194 23.33 9.72 -18.83
N PRO C 195 24.35 10.60 -18.81
CA PRO C 195 24.11 12.06 -18.82
C PRO C 195 23.25 12.47 -20.01
N VAL C 196 22.46 13.52 -19.82
CA VAL C 196 21.54 13.98 -20.84
C VAL C 196 22.28 14.46 -22.10
N SER C 197 23.30 15.29 -21.89
CA SER C 197 24.11 15.78 -23.01
C SER C 197 24.57 14.63 -23.90
N GLU C 198 24.96 13.51 -23.28
CA GLU C 198 25.35 12.33 -24.05
C GLU C 198 24.22 11.85 -24.95
N LEU C 199 23.03 11.68 -24.38
CA LEU C 199 21.88 11.17 -25.12
C LEU C 199 21.44 12.13 -26.24
N VAL C 200 21.67 13.42 -26.02
CA VAL C 200 21.29 14.44 -27.00
C VAL C 200 22.14 14.40 -28.27
N GLU C 201 23.44 14.19 -28.11
CA GLU C 201 24.34 14.10 -29.25
C GLU C 201 24.12 12.81 -30.04
N LYS C 202 24.12 11.68 -29.34
CA LYS C 202 23.98 10.36 -29.97
C LYS C 202 22.64 10.13 -30.68
N ASN C 203 21.73 11.09 -30.59
CA ASN C 203 20.43 10.96 -31.24
C ASN C 203 19.86 12.26 -31.79
N ASP C 204 18.86 12.15 -32.64
CA ASP C 204 18.26 13.33 -33.25
C ASP C 204 16.79 13.09 -33.57
N TYR C 206 16.34 12.88 -30.05
CA TYR C 206 16.52 13.75 -28.89
C TYR C 206 17.25 15.04 -29.26
N LYS C 207 16.49 16.14 -29.37
CA LYS C 207 17.07 17.43 -29.78
C LYS C 207 17.11 18.43 -28.62
N GLN C 208 17.87 19.51 -28.79
CA GLN C 208 18.19 20.40 -27.66
C GLN C 208 17.04 21.29 -27.16
N GLU C 209 16.53 22.18 -28.01
CA GLU C 209 15.46 23.07 -27.56
C GLU C 209 14.17 22.30 -27.31
N GLU C 210 14.19 21.00 -27.60
CA GLU C 210 13.13 20.08 -27.20
C GLU C 210 13.20 19.92 -25.68
N LEU C 211 14.41 19.68 -25.17
CA LEU C 211 14.65 19.62 -23.74
C LEU C 211 14.57 21.01 -23.13
N ASP C 212 14.93 22.03 -23.90
CA ASP C 212 14.85 23.42 -23.44
C ASP C 212 13.40 23.86 -23.25
N GLN C 213 12.50 23.30 -24.05
CA GLN C 213 11.09 23.65 -23.96
C GLN C 213 10.46 23.06 -22.70
N ILE C 214 10.91 21.87 -22.32
CA ILE C 214 10.48 21.24 -21.09
C ILE C 214 10.76 22.14 -19.89
N VAL C 215 11.91 22.80 -19.89
CA VAL C 215 12.27 23.73 -18.82
C VAL C 215 11.40 24.99 -18.88
N ASP C 216 11.03 25.38 -20.09
CA ASP C 216 10.17 26.53 -20.30
C ASP C 216 8.81 26.28 -19.64
N ASP C 217 8.25 25.10 -19.88
CA ASP C 217 6.94 24.75 -19.34
C ASP C 217 6.95 24.76 -17.82
N VAL C 218 8.02 24.23 -17.24
CA VAL C 218 8.15 24.14 -15.79
C VAL C 218 8.01 25.49 -15.11
N LYS C 219 8.75 26.48 -15.58
CA LYS C 219 8.83 27.77 -14.91
C LYS C 219 7.53 28.57 -15.01
N ASN C 220 6.77 28.33 -16.07
CA ASN C 220 5.54 29.10 -16.29
C ASN C 220 4.27 28.31 -15.94
N ALA C 221 4.44 27.04 -15.59
CA ALA C 221 3.31 26.19 -15.20
C ALA C 221 2.34 26.91 -14.26
N ALA C 222 2.87 27.50 -13.18
CA ALA C 222 2.03 28.13 -12.18
C ALA C 222 1.28 29.36 -12.68
N TYR C 223 1.96 30.19 -13.46
CA TYR C 223 1.33 31.37 -14.04
C TYR C 223 0.14 30.96 -14.92
N HIS C 224 0.33 29.93 -15.73
CA HIS C 224 -0.75 29.47 -16.60
C HIS C 224 -1.96 28.96 -15.83
N ILE C 225 -1.71 28.24 -14.74
CA ILE C 225 -2.80 27.78 -13.90
C ILE C 225 -3.56 28.96 -13.34
N ILE C 226 -2.83 29.95 -12.84
CA ILE C 226 -3.43 31.12 -12.22
C ILE C 226 -4.23 31.93 -13.25
N GLU C 227 -3.66 32.06 -14.44
CA GLU C 227 -4.35 32.70 -15.55
C GLU C 227 -5.77 32.12 -15.77
N LYS C 228 -5.94 30.81 -15.55
CA LYS C 228 -7.22 30.13 -15.82
C LYS C 228 -8.18 30.08 -14.65
N LYS C 229 -7.69 29.78 -13.45
CA LYS C 229 -8.60 29.67 -12.32
C LYS C 229 -8.29 30.56 -11.12
N GLY C 230 -7.25 31.39 -11.25
CA GLY C 230 -7.01 32.45 -10.28
C GLY C 230 -6.08 32.10 -9.13
N ALA C 231 -5.81 30.81 -8.93
CA ALA C 231 -4.95 30.37 -7.85
C ALA C 231 -4.50 28.94 -8.14
N THR C 232 -3.36 28.57 -7.58
CA THR C 232 -2.84 27.22 -7.74
C THR C 232 -2.83 26.56 -6.36
N TYR C 233 -3.30 25.33 -6.26
CA TYR C 233 -3.29 24.68 -4.96
C TYR C 233 -3.09 23.18 -4.89
N TYR C 234 -3.52 22.45 -5.92
CA TYR C 234 -3.37 21.00 -5.87
C TYR C 234 -1.91 20.55 -5.92
N GLY C 235 -1.15 21.11 -6.85
CA GLY C 235 0.24 20.71 -7.02
C GLY C 235 1.02 21.09 -5.78
N VAL C 236 0.79 22.31 -5.30
CA VAL C 236 1.45 22.82 -4.09
C VAL C 236 1.20 21.88 -2.90
N ALA C 237 -0.08 21.60 -2.65
CA ALA C 237 -0.49 20.70 -1.58
C ALA C 237 0.24 19.38 -1.68
N MET C 238 0.39 18.87 -2.90
CA MET C 238 1.06 17.58 -3.08
C MET C 238 2.55 17.64 -2.73
N SER C 239 3.19 18.77 -3.01
CA SER C 239 4.62 18.90 -2.72
C SER C 239 4.81 18.99 -1.22
N LEU C 240 3.93 19.72 -0.56
CA LEU C 240 3.94 19.82 0.89
C LEU C 240 3.75 18.46 1.55
N ALA C 241 2.80 17.67 1.05
CA ALA C 241 2.52 16.36 1.64
C ALA C 241 3.73 15.47 1.44
N ARG C 242 4.38 15.63 0.29
CA ARG C 242 5.57 14.86 -0.02
C ARG C 242 6.70 15.18 0.97
N ILE C 243 6.92 16.48 1.23
CA ILE C 243 7.98 16.89 2.15
C ILE C 243 7.67 16.44 3.58
N THR C 244 6.43 16.64 3.99
CA THR C 244 5.94 16.17 5.29
C THR C 244 6.15 14.67 5.45
N LYS C 245 6.03 13.94 4.35
CA LYS C 245 6.22 12.50 4.36
C LYS C 245 7.68 12.11 4.59
N ALA C 246 8.59 12.82 3.92
CA ALA C 246 10.02 12.54 4.08
C ALA C 246 10.44 12.80 5.53
N ILE C 247 9.80 13.77 6.19
CA ILE C 247 10.17 14.09 7.54
C ILE C 247 9.61 13.06 8.52
N LEU C 248 8.29 12.97 8.57
CA LEU C 248 7.62 12.05 9.49
C LEU C 248 8.08 10.60 9.38
N HIS C 249 8.55 10.19 8.19
CA HIS C 249 8.91 8.79 8.02
C HIS C 249 10.41 8.58 7.84
N ASN C 250 11.17 9.59 8.22
CA ASN C 250 12.63 9.52 8.28
C ASN C 250 13.22 8.93 7.00
N GLU C 251 12.86 9.50 5.84
CA GLU C 251 13.19 8.93 4.53
C GLU C 251 14.63 9.13 4.04
N ASN C 252 15.24 10.25 4.43
CA ASN C 252 16.51 10.65 3.83
C ASN C 252 16.37 10.85 2.33
N SER C 253 15.21 11.36 1.93
CA SER C 253 14.93 11.67 0.53
C SER C 253 15.65 12.94 0.13
N ILE C 254 16.20 12.96 -1.08
CA ILE C 254 16.80 14.18 -1.61
C ILE C 254 15.74 15.06 -2.27
N LEU C 255 15.49 16.22 -1.68
CA LEU C 255 14.50 17.16 -2.21
C LEU C 255 15.08 18.57 -2.29
N THR C 256 14.76 19.28 -3.37
CA THR C 256 15.26 20.63 -3.53
C THR C 256 14.41 21.62 -2.75
N VAL C 257 14.41 21.43 -1.44
CA VAL C 257 13.71 22.34 -0.54
C VAL C 257 14.52 23.62 -0.29
N SER C 258 13.83 24.67 0.16
CA SER C 258 14.47 25.90 0.60
C SER C 258 15.37 25.62 1.79
N THR C 259 16.68 25.82 1.61
CA THR C 259 17.67 25.44 2.61
C THR C 259 18.65 26.59 2.91
N TYR C 260 19.09 26.69 4.16
CA TYR C 260 20.07 27.73 4.51
C TYR C 260 21.46 27.35 4.02
N LEU C 261 22.06 28.23 3.23
CA LEU C 261 23.42 28.01 2.75
C LEU C 261 24.45 28.87 3.48
N ASP C 262 25.63 28.30 3.74
CA ASP C 262 26.77 29.09 4.19
C ASP C 262 28.07 28.64 3.50
N GLY C 263 28.19 28.97 2.22
CA GLY C 263 29.38 28.66 1.44
C GLY C 263 29.22 27.55 0.42
N GLN C 264 28.21 26.71 0.61
CA GLN C 264 28.01 25.53 -0.23
C GLN C 264 28.05 25.79 -1.75
N TYR C 265 27.38 26.83 -2.20
CA TYR C 265 27.38 27.15 -3.63
C TYR C 265 27.84 28.59 -3.86
N GLY C 266 28.90 28.98 -3.18
CA GLY C 266 29.40 30.35 -3.29
C GLY C 266 28.37 31.31 -2.77
N ALA C 267 27.49 30.80 -1.91
CA ALA C 267 26.46 31.62 -1.30
C ALA C 267 26.49 31.42 0.20
N ASP C 268 26.07 32.44 0.94
CA ASP C 268 26.12 32.38 2.38
C ASP C 268 25.01 33.27 2.90
N ASP C 269 24.42 32.88 4.03
CA ASP C 269 23.38 33.67 4.66
C ASP C 269 22.19 33.89 3.74
N VAL C 270 21.61 32.80 3.25
CA VAL C 270 20.45 32.87 2.39
C VAL C 270 19.74 31.52 2.31
N TYR C 271 18.42 31.55 2.33
CA TYR C 271 17.64 30.33 2.08
C TYR C 271 17.35 30.24 0.60
N ILE C 272 17.60 29.07 0.03
CA ILE C 272 17.48 28.91 -1.41
C ILE C 272 17.31 27.45 -1.77
N GLY C 273 16.81 27.21 -2.98
CA GLY C 273 16.52 25.86 -3.43
C GLY C 273 17.74 25.07 -3.89
N VAL C 274 18.08 24.03 -3.13
CA VAL C 274 19.14 23.12 -3.52
C VAL C 274 18.75 21.72 -3.05
N PRO C 275 19.30 20.70 -3.71
CA PRO C 275 19.00 19.34 -3.24
C PRO C 275 19.53 19.11 -1.84
N ALA C 276 18.63 18.82 -0.91
CA ALA C 276 18.99 18.55 0.49
C ALA C 276 18.42 17.21 0.93
N VAL C 277 19.16 16.49 1.77
CA VAL C 277 18.64 15.25 2.33
C VAL C 277 17.67 15.59 3.46
N VAL C 278 16.46 15.03 3.39
CA VAL C 278 15.41 15.32 4.38
C VAL C 278 15.05 14.08 5.21
N ASN C 279 15.03 14.24 6.53
CA ASN C 279 14.63 13.15 7.41
C ASN C 279 13.92 13.67 8.66
N ARG C 280 13.75 12.82 9.66
CA ARG C 280 12.99 13.21 10.86
C ARG C 280 13.65 14.39 11.59
N GLY C 281 14.96 14.52 11.45
CA GLY C 281 15.65 15.66 12.02
C GLY C 281 15.48 16.91 11.17
N GLY C 282 15.02 16.74 9.93
CA GLY C 282 14.90 17.86 9.02
C GLY C 282 16.01 17.78 7.99
N ILE C 283 16.70 18.89 7.74
CA ILE C 283 17.81 18.88 6.79
C ILE C 283 19.02 18.13 7.35
N ALA C 284 19.39 17.05 6.68
CA ALA C 284 20.42 16.14 7.17
C ALA C 284 21.69 16.21 6.35
N GLY C 285 21.79 17.23 5.50
CA GLY C 285 22.94 17.34 4.62
C GLY C 285 22.55 17.99 3.31
N ILE C 286 23.50 18.70 2.71
CA ILE C 286 23.25 19.40 1.46
C ILE C 286 24.04 18.76 0.34
N THR C 287 23.34 18.29 -0.69
CA THR C 287 23.98 17.69 -1.85
C THR C 287 24.69 18.78 -2.64
N GLU C 288 26.01 18.61 -2.80
CA GLU C 288 26.81 19.65 -3.44
C GLU C 288 27.19 19.27 -4.87
N LEU C 289 26.39 19.75 -5.83
CA LEU C 289 26.64 19.46 -7.23
C LEU C 289 27.71 20.39 -7.80
N ASN C 290 28.62 19.81 -8.58
CA ASN C 290 29.66 20.61 -9.24
C ASN C 290 29.11 21.35 -10.45
N LEU C 291 28.54 22.53 -10.21
CA LEU C 291 27.94 23.29 -11.29
C LEU C 291 28.96 23.69 -12.36
N ASN C 292 28.56 23.65 -13.62
CA ASN C 292 29.39 24.18 -14.68
C ASN C 292 29.32 25.70 -14.68
N GLU C 293 29.86 26.34 -15.72
CA GLU C 293 30.02 27.79 -15.69
C GLU C 293 28.74 28.60 -15.80
N LYS C 294 27.87 28.22 -16.73
CA LYS C 294 26.59 28.90 -16.86
C LYS C 294 25.83 28.80 -15.55
N GLU C 295 25.70 27.56 -15.05
CA GLU C 295 24.93 27.29 -13.84
C GLU C 295 25.44 28.09 -12.64
N LYS C 296 26.77 28.16 -12.51
CA LYS C 296 27.38 28.84 -11.38
C LYS C 296 26.94 30.31 -11.25
N GLU C 297 26.87 31.02 -12.37
CA GLU C 297 26.47 32.44 -12.33
C GLU C 297 24.96 32.61 -12.29
N GLN C 298 24.25 31.76 -13.02
CA GLN C 298 22.80 31.73 -12.93
C GLN C 298 22.42 31.63 -11.45
N PHE C 299 23.11 30.76 -10.72
CA PHE C 299 22.80 30.52 -9.31
C PHE C 299 23.08 31.73 -8.43
N LEU C 300 24.31 32.25 -8.54
CA LEU C 300 24.73 33.39 -7.72
C LEU C 300 23.88 34.63 -8.00
N HIS C 301 23.48 34.80 -9.26
CA HIS C 301 22.56 35.87 -9.62
C HIS C 301 21.25 35.70 -8.87
N SER C 302 20.81 34.45 -8.76
CA SER C 302 19.56 34.12 -8.06
C SER C 302 19.71 34.37 -6.55
N ALA C 303 20.83 33.95 -5.99
CA ALA C 303 21.08 34.15 -4.57
C ALA C 303 21.20 35.63 -4.24
N GLY C 304 21.81 36.38 -5.17
CA GLY C 304 21.96 37.82 -5.01
C GLY C 304 20.62 38.54 -5.02
N VAL C 305 19.77 38.20 -5.97
CA VAL C 305 18.44 38.78 -6.04
C VAL C 305 17.73 38.66 -4.69
N LEU C 306 17.81 37.47 -4.08
CA LEU C 306 17.16 37.19 -2.80
C LEU C 306 17.76 37.99 -1.65
N LYS C 307 19.05 37.80 -1.42
CA LYS C 307 19.76 38.50 -0.35
C LYS C 307 19.51 40.00 -0.41
N ASN C 308 19.25 40.50 -1.62
CA ASN C 308 19.02 41.92 -1.83
C ASN C 308 17.67 42.36 -1.27
N ILE C 309 16.66 41.53 -1.44
CA ILE C 309 15.34 41.81 -0.88
C ILE C 309 15.37 41.61 0.63
N LEU C 310 16.36 40.85 1.10
CA LEU C 310 16.46 40.49 2.52
C LEU C 310 16.94 41.63 3.42
N LYS C 311 18.10 42.19 3.10
CA LYS C 311 18.76 43.19 3.97
C LYS C 311 17.89 44.38 4.42
N PRO C 312 17.07 44.94 3.51
CA PRO C 312 16.19 46.03 3.94
C PRO C 312 15.32 45.66 5.15
N HIS C 313 15.14 44.37 5.41
CA HIS C 313 14.32 43.92 6.53
C HIS C 313 15.13 43.28 7.65
N PHE C 314 16.38 42.92 7.37
CA PHE C 314 17.26 42.31 8.37
C PHE C 314 18.66 42.94 8.35
N ASN D 2 -13.81 -6.34 -20.14
CA ASN D 2 -12.90 -7.44 -19.80
C ASN D 2 -11.47 -6.97 -19.49
N LYS D 3 -11.15 -6.82 -18.20
CA LYS D 3 -9.82 -6.39 -17.78
C LYS D 3 -8.82 -7.55 -17.85
N HIS D 4 -7.60 -7.28 -18.32
CA HIS D 4 -6.59 -8.31 -18.42
C HIS D 4 -6.28 -9.00 -17.08
N VAL D 5 -6.17 -10.32 -17.10
CA VAL D 5 -5.81 -11.07 -15.92
C VAL D 5 -4.33 -11.43 -15.98
N ASN D 6 -3.56 -10.98 -14.99
CA ASN D 6 -2.12 -11.27 -14.97
C ASN D 6 -1.84 -12.70 -14.52
N LYS D 7 -1.06 -13.44 -15.30
CA LYS D 7 -0.86 -14.86 -15.01
C LYS D 7 0.61 -15.26 -15.11
N VAL D 8 1.08 -15.94 -14.06
CA VAL D 8 2.47 -16.38 -14.00
C VAL D 8 2.46 -17.89 -13.90
N ALA D 9 3.33 -18.53 -14.69
CA ALA D 9 3.53 -19.97 -14.60
C ALA D 9 4.92 -20.20 -14.08
N LEU D 10 5.03 -20.97 -13.01
CA LEU D 10 6.31 -21.24 -12.38
C LEU D 10 6.73 -22.67 -12.67
N ILE D 11 7.95 -22.85 -13.18
CA ILE D 11 8.43 -24.20 -13.43
C ILE D 11 9.61 -24.54 -12.51
N GLY D 12 9.38 -25.50 -11.61
CA GLY D 12 10.38 -25.86 -10.62
C GLY D 12 9.98 -25.35 -9.24
N ALA D 13 9.43 -26.23 -8.41
CA ALA D 13 9.01 -25.84 -7.07
C ALA D 13 10.02 -26.27 -5.99
N GLY D 14 11.29 -26.00 -6.24
CA GLY D 14 12.29 -26.23 -5.21
C GLY D 14 12.28 -25.04 -4.27
N PHE D 15 13.39 -24.83 -3.57
CA PHE D 15 13.51 -23.72 -2.65
C PHE D 15 13.36 -22.36 -3.30
N VAL D 16 14.00 -22.16 -4.45
CA VAL D 16 13.86 -20.89 -5.16
C VAL D 16 12.40 -20.65 -5.60
N GLY D 17 11.83 -21.60 -6.32
CA GLY D 17 10.46 -21.48 -6.83
C GLY D 17 9.38 -21.32 -5.76
N SER D 18 9.40 -22.20 -4.77
CA SER D 18 8.52 -22.06 -3.61
C SER D 18 8.61 -20.66 -2.95
N SER D 19 9.83 -20.22 -2.68
CA SER D 19 10.02 -18.89 -2.09
C SER D 19 9.56 -17.78 -3.03
N TYR D 20 9.83 -17.95 -4.32
CA TYR D 20 9.40 -16.98 -5.32
C TYR D 20 7.89 -16.86 -5.30
N ALA D 21 7.22 -18.00 -5.22
CA ALA D 21 5.76 -18.03 -5.10
C ALA D 21 5.26 -17.31 -3.82
N PHE D 22 5.90 -17.63 -2.69
CA PHE D 22 5.50 -17.03 -1.40
C PHE D 22 5.67 -15.53 -1.46
N ALA D 23 6.75 -15.09 -2.09
CA ALA D 23 6.94 -13.65 -2.33
C ALA D 23 5.85 -12.99 -3.20
N LEU D 24 5.45 -13.65 -4.30
CA LEU D 24 4.45 -13.04 -5.17
C LEU D 24 3.15 -12.88 -4.40
N ILE D 25 2.84 -13.87 -3.58
CA ILE D 25 1.63 -13.87 -2.80
C ILE D 25 1.69 -12.79 -1.70
N ASN D 26 2.82 -12.67 -1.02
CA ASN D 26 2.97 -11.68 0.03
C ASN D 26 2.96 -10.25 -0.52
N GLN D 27 3.47 -10.06 -1.75
CA GLN D 27 3.51 -8.72 -2.34
C GLN D 27 2.29 -8.34 -3.21
N GLY D 28 1.41 -9.29 -3.50
CA GLY D 28 0.25 -9.04 -4.35
C GLY D 28 0.63 -8.67 -5.78
N ILE D 29 1.54 -9.42 -6.38
CA ILE D 29 2.13 -9.04 -7.65
C ILE D 29 1.34 -9.56 -8.86
N THR D 30 0.81 -10.77 -8.77
CA THR D 30 0.10 -11.38 -9.88
C THR D 30 -1.33 -11.74 -9.49
N ASP D 31 -2.20 -11.95 -10.48
CA ASP D 31 -3.57 -12.34 -10.20
C ASP D 31 -3.67 -13.84 -10.09
N GLU D 32 -2.87 -14.56 -10.87
CA GLU D 32 -2.90 -16.02 -10.85
C GLU D 32 -1.51 -16.58 -10.95
N LEU D 33 -1.34 -17.76 -10.38
CA LEU D 33 -0.06 -18.43 -10.38
C LEU D 33 -0.33 -19.92 -10.50
N VAL D 34 0.35 -20.55 -11.45
CA VAL D 34 0.24 -22.00 -11.56
C VAL D 34 1.61 -22.59 -11.33
N VAL D 35 1.65 -23.69 -10.61
CA VAL D 35 2.90 -24.31 -10.23
C VAL D 35 3.07 -25.66 -10.91
N ILE D 36 4.23 -25.86 -11.53
CA ILE D 36 4.50 -27.05 -12.32
C ILE D 36 5.83 -27.68 -11.94
N ASP D 37 5.83 -28.96 -11.62
CA ASP D 37 7.08 -29.66 -11.30
C ASP D 37 6.98 -31.15 -11.65
N VAL D 38 8.10 -31.75 -12.03
CA VAL D 38 8.12 -33.19 -12.33
C VAL D 38 7.66 -33.99 -11.12
N ASN D 39 8.04 -33.53 -9.94
CA ASN D 39 7.58 -34.13 -8.70
C ASN D 39 6.18 -33.62 -8.38
N LYS D 40 5.18 -34.27 -8.97
CA LYS D 40 3.79 -33.82 -8.86
C LYS D 40 3.33 -33.62 -7.41
N GLU D 41 3.65 -34.57 -6.54
CA GLU D 41 3.18 -34.51 -5.16
C GLU D 41 3.77 -33.33 -4.38
N LYS D 42 5.00 -32.95 -4.70
CA LYS D 42 5.64 -31.84 -4.00
C LYS D 42 5.01 -30.52 -4.42
N ALA D 43 4.79 -30.37 -5.71
CA ALA D 43 4.17 -29.17 -6.25
C ALA D 43 2.75 -29.04 -5.70
N MET D 44 2.04 -30.17 -5.67
CA MET D 44 0.69 -30.22 -5.09
C MET D 44 0.70 -29.80 -3.63
N GLY D 45 1.66 -30.31 -2.87
CA GLY D 45 1.81 -29.94 -1.47
C GLY D 45 2.09 -28.45 -1.28
N ASP D 46 3.01 -27.93 -2.08
CA ASP D 46 3.36 -26.51 -1.96
C ASP D 46 2.17 -25.62 -2.24
N VAL D 47 1.47 -25.89 -3.34
CA VAL D 47 0.27 -25.15 -3.69
C VAL D 47 -0.73 -25.16 -2.54
N MET D 48 -0.91 -26.32 -1.91
CA MET D 48 -1.85 -26.44 -0.79
C MET D 48 -1.41 -25.58 0.40
N ASP D 49 -0.12 -25.66 0.73
CA ASP D 49 0.45 -24.88 1.82
C ASP D 49 0.33 -23.39 1.50
N LEU D 50 0.63 -23.02 0.26
CA LEU D 50 0.53 -21.63 -0.18
C LEU D 50 -0.90 -21.10 -0.12
N ASN D 51 -1.88 -21.95 -0.42
CA ASN D 51 -3.27 -21.52 -0.32
C ASN D 51 -3.82 -21.58 1.10
N HIS D 52 -3.16 -22.37 1.96
CA HIS D 52 -3.59 -22.48 3.34
C HIS D 52 -3.82 -21.10 3.94
N GLY D 53 -2.83 -20.23 3.79
CA GLY D 53 -2.93 -18.89 4.33
C GLY D 53 -3.43 -17.84 3.35
N LYS D 54 -4.18 -18.27 2.33
CA LYS D 54 -4.68 -17.38 1.31
C LYS D 54 -5.44 -16.17 1.87
N ALA D 55 -6.25 -16.40 2.90
CA ALA D 55 -7.09 -15.33 3.45
C ALA D 55 -6.30 -14.13 3.96
N PHE D 56 -5.03 -14.34 4.28
CA PHE D 56 -4.18 -13.27 4.81
C PHE D 56 -3.40 -12.45 3.76
N ALA D 57 -3.36 -12.93 2.53
CA ALA D 57 -2.64 -12.20 1.47
C ALA D 57 -3.26 -10.83 1.27
N PRO D 58 -2.41 -9.81 1.07
CA PRO D 58 -2.81 -8.42 0.85
C PRO D 58 -3.79 -8.29 -0.32
N GLN D 59 -3.57 -9.06 -1.38
CA GLN D 59 -4.45 -9.01 -2.54
C GLN D 59 -4.86 -10.41 -2.94
N PRO D 60 -6.04 -10.53 -3.57
CA PRO D 60 -6.44 -11.86 -4.03
C PRO D 60 -5.46 -12.41 -5.08
N VAL D 61 -5.11 -13.67 -4.94
CA VAL D 61 -4.25 -14.33 -5.90
C VAL D 61 -4.69 -15.77 -5.98
N LYS D 62 -4.96 -16.24 -7.20
CA LYS D 62 -5.37 -17.62 -7.38
C LYS D 62 -4.15 -18.48 -7.69
N THR D 63 -3.85 -19.41 -6.79
CA THR D 63 -2.68 -20.26 -6.96
C THR D 63 -3.12 -21.70 -7.15
N SER D 64 -2.57 -22.36 -8.16
CA SER D 64 -2.95 -23.77 -8.40
C SER D 64 -1.80 -24.64 -8.92
N TYR D 65 -1.99 -25.94 -8.78
CA TYR D 65 -1.10 -26.92 -9.40
C TYR D 65 -1.47 -27.08 -10.88
N GLY D 66 -0.49 -27.37 -11.71
CA GLY D 66 -0.75 -27.49 -13.14
C GLY D 66 0.34 -28.19 -13.90
N THR D 67 0.17 -28.26 -15.22
CA THR D 67 1.13 -28.91 -16.09
C THR D 67 1.52 -27.98 -17.21
N TYR D 68 2.40 -28.44 -18.10
CA TYR D 68 2.92 -27.58 -19.17
C TYR D 68 1.82 -26.96 -20.01
N GLU D 69 0.75 -27.72 -20.22
CA GLU D 69 -0.39 -27.24 -20.99
C GLU D 69 -0.95 -25.94 -20.39
N ASP D 70 -0.87 -25.80 -19.07
CA ASP D 70 -1.47 -24.63 -18.40
C ASP D 70 -0.70 -23.35 -18.67
N CYS D 71 0.41 -23.45 -19.39
CA CYS D 71 1.20 -22.28 -19.75
C CYS D 71 0.58 -21.49 -20.90
N LYS D 72 -0.41 -22.07 -21.57
CA LYS D 72 -0.94 -21.48 -22.79
C LYS D 72 -1.14 -19.98 -22.71
N ASP D 73 -1.92 -19.54 -21.71
CA ASP D 73 -2.24 -18.11 -21.58
C ASP D 73 -1.44 -17.37 -20.50
N ALA D 74 -0.29 -17.91 -20.12
CA ALA D 74 0.56 -17.27 -19.12
C ALA D 74 1.22 -16.01 -19.67
N ASP D 75 1.28 -14.94 -18.89
CA ASP D 75 2.03 -13.76 -19.31
C ASP D 75 3.50 -14.05 -19.14
N ILE D 76 3.82 -14.81 -18.09
CA ILE D 76 5.22 -15.07 -17.75
C ILE D 76 5.40 -16.52 -17.40
N VAL D 77 6.47 -17.09 -17.92
CA VAL D 77 6.87 -18.43 -17.51
C VAL D 77 8.20 -18.25 -16.83
N CYS D 78 8.26 -18.60 -15.56
CA CYS D 78 9.50 -18.43 -14.79
C CYS D 78 10.11 -19.79 -14.55
N ILE D 79 11.35 -19.96 -14.97
CA ILE D 79 11.98 -21.28 -14.86
C ILE D 79 12.99 -21.32 -13.71
N CYS D 80 12.70 -22.13 -12.71
CA CYS D 80 13.58 -22.28 -11.56
C CYS D 80 14.00 -23.73 -11.44
N ALA D 81 13.70 -24.51 -12.47
CA ALA D 81 14.04 -25.92 -12.48
C ALA D 81 15.44 -26.13 -12.98
N GLY D 82 15.98 -27.33 -12.77
CA GLY D 82 17.32 -27.67 -13.23
C GLY D 82 18.08 -28.39 -12.15
N ALA D 83 19.20 -29.00 -12.51
CA ALA D 83 20.07 -29.62 -11.52
C ALA D 83 20.86 -28.53 -10.78
N ASN D 84 21.29 -28.84 -9.56
CA ASN D 84 22.04 -27.87 -8.76
C ASN D 84 23.55 -28.12 -8.77
N ARG D 91 33.55 -30.02 -13.52
CA ARG D 91 32.10 -30.02 -13.50
C ARG D 91 31.49 -28.93 -14.38
N LEU D 92 31.98 -28.83 -15.62
CA LEU D 92 31.34 -28.02 -16.64
C LEU D 92 30.21 -28.83 -17.26
N GLU D 93 29.92 -29.98 -16.64
CA GLU D 93 28.83 -30.83 -17.06
C GLU D 93 27.51 -30.39 -16.46
N LEU D 94 27.57 -29.49 -15.48
CA LEU D 94 26.35 -28.91 -14.90
C LEU D 94 25.61 -28.17 -16.01
N VAL D 95 26.35 -27.38 -16.78
CA VAL D 95 25.82 -26.72 -17.96
C VAL D 95 25.22 -27.76 -18.90
N GLU D 96 25.85 -28.92 -18.94
CA GLU D 96 25.43 -29.99 -19.84
C GLU D 96 24.07 -30.57 -19.46
N LYS D 97 23.93 -31.01 -18.22
CA LYS D 97 22.67 -31.58 -17.73
C LYS D 97 21.53 -30.57 -17.86
N ASN D 98 21.81 -29.32 -17.47
CA ASN D 98 20.80 -28.28 -17.49
C ASN D 98 20.37 -27.88 -18.89
N LEU D 99 21.34 -27.76 -19.80
CA LEU D 99 21.02 -27.48 -21.20
C LEU D 99 19.98 -28.47 -21.72
N LYS D 100 20.07 -29.71 -21.28
CA LYS D 100 19.14 -30.74 -21.71
C LYS D 100 17.77 -30.53 -21.06
N ILE D 101 17.74 -30.40 -19.74
CA ILE D 101 16.50 -30.15 -19.01
C ILE D 101 15.71 -29.00 -19.63
N PHE D 102 16.41 -27.90 -19.91
CA PHE D 102 15.79 -26.72 -20.49
C PHE D 102 15.20 -27.00 -21.86
N LYS D 103 15.90 -27.83 -22.65
CA LYS D 103 15.41 -28.20 -23.98
C LYS D 103 14.04 -28.86 -23.86
N GLY D 104 13.92 -29.83 -22.97
CA GLY D 104 12.64 -30.49 -22.76
C GLY D 104 11.57 -29.52 -22.27
N ILE D 105 11.95 -28.66 -21.33
CA ILE D 105 11.02 -27.71 -20.73
C ILE D 105 10.50 -26.69 -21.73
N VAL D 106 11.40 -25.99 -22.42
CA VAL D 106 10.96 -25.00 -23.39
C VAL D 106 10.09 -25.64 -24.48
N SER D 107 10.53 -26.80 -24.93
CA SER D 107 9.78 -27.52 -25.97
C SER D 107 8.35 -27.79 -25.52
N GLU D 108 8.20 -28.29 -24.29
CA GLU D 108 6.87 -28.55 -23.75
C GLU D 108 6.05 -27.27 -23.57
N VAL D 109 6.71 -26.18 -23.19
CA VAL D 109 6.02 -24.91 -22.98
C VAL D 109 5.51 -24.34 -24.30
N MET D 110 6.41 -24.19 -25.26
CA MET D 110 6.03 -23.69 -26.58
C MET D 110 4.94 -24.56 -27.20
N ALA D 111 5.00 -25.87 -26.94
CA ALA D 111 4.01 -26.81 -27.47
C ALA D 111 2.60 -26.58 -26.91
N SER D 112 2.46 -25.66 -25.96
CA SER D 112 1.15 -25.42 -25.34
C SER D 112 0.51 -24.21 -25.98
N GLY D 113 1.31 -23.43 -26.69
CA GLY D 113 0.81 -22.22 -27.33
C GLY D 113 1.21 -20.95 -26.60
N PHE D 114 2.02 -21.12 -25.54
CA PHE D 114 2.53 -19.99 -24.78
C PHE D 114 3.15 -18.97 -25.72
N ASP D 115 2.74 -17.72 -25.56
CA ASP D 115 3.30 -16.63 -26.35
C ASP D 115 3.54 -15.42 -25.47
N GLY D 116 4.21 -15.66 -24.33
CA GLY D 116 4.49 -14.61 -23.37
C GLY D 116 5.97 -14.28 -23.22
N ILE D 117 6.42 -14.16 -21.98
CA ILE D 117 7.81 -13.85 -21.69
C ILE D 117 8.40 -14.94 -20.79
N PHE D 118 9.61 -15.39 -21.11
CA PHE D 118 10.32 -16.32 -20.24
C PHE D 118 11.17 -15.55 -19.24
N LEU D 119 11.10 -15.96 -17.98
CA LEU D 119 12.00 -15.42 -16.95
C LEU D 119 12.88 -16.54 -16.43
N VAL D 120 14.18 -16.43 -16.62
CA VAL D 120 15.09 -17.53 -16.28
C VAL D 120 15.89 -17.25 -15.01
N ALA D 121 15.88 -18.19 -14.08
CA ALA D 121 16.64 -18.01 -12.84
C ALA D 121 17.73 -19.07 -12.61
N THR D 122 17.60 -20.24 -13.23
CA THR D 122 18.55 -21.34 -13.02
C THR D 122 19.97 -20.94 -13.44
N ASN D 123 20.96 -21.32 -12.63
CA ASN D 123 22.36 -21.02 -12.92
C ASN D 123 23.03 -22.11 -13.76
N PRO D 124 23.94 -21.73 -14.66
CA PRO D 124 24.40 -20.34 -14.88
C PRO D 124 23.40 -19.54 -15.70
N VAL D 125 22.87 -18.46 -15.13
CA VAL D 125 21.71 -17.79 -15.71
C VAL D 125 21.95 -17.20 -17.12
N ASP D 126 23.10 -16.55 -17.32
CA ASP D 126 23.41 -15.96 -18.62
C ASP D 126 23.36 -17.00 -19.74
N ILE D 127 23.97 -18.16 -19.49
CA ILE D 127 24.02 -19.24 -20.46
C ILE D 127 22.65 -19.81 -20.77
N LEU D 128 21.90 -20.14 -19.72
CA LEU D 128 20.59 -20.73 -19.88
C LEU D 128 19.57 -19.73 -20.42
N THR D 129 19.85 -18.45 -20.28
CA THR D 129 18.98 -17.43 -20.88
C THR D 129 19.20 -17.41 -22.39
N TYR D 130 20.46 -17.49 -22.81
CA TYR D 130 20.80 -17.62 -24.22
C TYR D 130 20.12 -18.85 -24.81
N ALA D 131 20.28 -19.98 -24.14
CA ALA D 131 19.69 -21.24 -24.57
C ALA D 131 18.17 -21.16 -24.75
N THR D 132 17.49 -20.64 -23.74
CA THR D 132 16.04 -20.49 -23.78
C THR D 132 15.60 -19.71 -25.01
N TRP D 133 16.35 -18.66 -25.33
CA TRP D 133 16.04 -17.87 -26.51
C TRP D 133 16.14 -18.74 -27.77
N LYS D 134 17.20 -19.54 -27.85
CA LYS D 134 17.38 -20.45 -28.97
C LYS D 134 16.26 -21.47 -29.06
N PHE D 135 16.05 -22.22 -27.98
CA PHE D 135 15.08 -23.31 -27.98
C PHE D 135 13.66 -22.83 -28.26
N SER D 136 13.34 -21.61 -27.85
CA SER D 136 11.96 -21.14 -27.92
C SER D 136 11.62 -20.47 -29.25
N GLY D 137 12.59 -19.76 -29.82
CA GLY D 137 12.38 -19.09 -31.08
C GLY D 137 11.71 -17.74 -30.92
N LEU D 138 11.51 -17.32 -29.67
CA LEU D 138 10.86 -16.04 -29.39
C LEU D 138 11.82 -14.89 -29.67
N PRO D 139 11.29 -13.68 -29.84
CA PRO D 139 12.12 -12.49 -29.97
C PRO D 139 13.01 -12.32 -28.73
N LYS D 140 14.23 -11.84 -28.90
CA LYS D 140 15.17 -11.79 -27.79
C LYS D 140 14.70 -10.87 -26.66
N GLU D 141 13.79 -9.95 -26.97
CA GLU D 141 13.25 -9.01 -25.97
C GLU D 141 12.31 -9.69 -24.99
N ARG D 142 11.94 -10.94 -25.27
CA ARG D 142 10.94 -11.64 -24.48
C ARG D 142 11.51 -12.87 -23.77
N VAL D 143 12.82 -13.03 -23.82
CA VAL D 143 13.49 -14.01 -22.98
C VAL D 143 14.40 -13.20 -22.07
N ILE D 144 14.21 -13.36 -20.75
CA ILE D 144 14.90 -12.53 -19.76
C ILE D 144 15.51 -13.38 -18.63
N GLY D 145 16.74 -13.07 -18.26
CA GLY D 145 17.40 -13.74 -17.16
C GLY D 145 17.56 -12.79 -15.99
N SER D 146 17.65 -13.33 -14.78
CA SER D 146 17.79 -12.50 -13.58
C SER D 146 19.09 -11.71 -13.59
N GLY D 147 20.08 -12.21 -14.31
CA GLY D 147 21.34 -11.50 -14.45
C GLY D 147 21.99 -11.10 -13.14
N THR D 148 22.38 -9.83 -13.03
CA THR D 148 23.01 -9.33 -11.82
C THR D 148 22.09 -8.35 -11.05
N THR D 149 20.78 -8.48 -11.25
CA THR D 149 19.82 -7.58 -10.60
C THR D 149 19.96 -7.59 -9.08
N LEU D 150 20.13 -8.77 -8.51
CA LEU D 150 20.30 -8.92 -7.06
C LEU D 150 21.57 -8.21 -6.59
N ASP D 151 22.70 -8.58 -7.17
CA ASP D 151 23.96 -7.93 -6.83
C ASP D 151 23.94 -6.40 -6.99
N SER D 152 23.29 -5.90 -8.04
CA SER D 152 23.19 -4.45 -8.21
C SER D 152 22.28 -3.80 -7.17
N ALA D 153 21.23 -4.50 -6.77
CA ALA D 153 20.29 -3.94 -5.79
C ALA D 153 20.99 -3.77 -4.45
N ARG D 154 21.78 -4.78 -4.10
CA ARG D 154 22.54 -4.81 -2.88
C ARG D 154 23.54 -3.65 -2.90
N PHE D 155 24.36 -3.64 -3.96
CA PHE D 155 25.35 -2.58 -4.16
C PHE D 155 24.72 -1.21 -3.98
N ARG D 156 23.56 -1.01 -4.61
CA ARG D 156 22.85 0.26 -4.52
C ARG D 156 22.42 0.65 -3.08
N PHE D 157 21.87 -0.30 -2.34
CA PHE D 157 21.43 -0.05 -0.95
C PHE D 157 22.64 0.13 -0.04
N MET D 158 23.64 -0.72 -0.26
CA MET D 158 24.86 -0.73 0.53
C MET D 158 25.65 0.57 0.32
N LEU D 159 25.15 1.43 -0.57
CA LEU D 159 25.74 2.74 -0.81
C LEU D 159 24.86 3.89 -0.31
N SER D 160 23.55 3.69 -0.23
CA SER D 160 22.66 4.73 0.30
C SER D 160 22.86 4.85 1.80
N GLU D 161 23.33 3.77 2.40
CA GLU D 161 23.66 3.80 3.82
C GLU D 161 25.00 4.49 3.98
N TYR D 162 26.01 3.98 3.28
CA TYR D 162 27.36 4.55 3.32
C TYR D 162 27.38 6.09 3.17
N PHE D 163 26.74 6.59 2.12
CA PHE D 163 26.70 8.03 1.86
C PHE D 163 25.50 8.75 2.49
N GLY D 164 24.57 7.98 3.06
CA GLY D 164 23.49 8.54 3.86
C GLY D 164 22.29 9.15 3.14
N ALA D 165 21.92 8.59 1.99
CA ALA D 165 20.69 9.01 1.30
C ALA D 165 19.77 7.83 1.04
N ALA D 166 18.58 8.12 0.49
CA ALA D 166 17.64 7.06 0.14
C ALA D 166 18.13 6.34 -1.11
N PRO D 167 17.97 5.01 -1.14
CA PRO D 167 18.36 4.22 -2.30
C PRO D 167 17.84 4.82 -3.60
N GLN D 168 16.67 5.44 -3.55
CA GLN D 168 16.05 6.00 -4.76
C GLN D 168 16.88 7.13 -5.35
N ASN D 169 17.70 7.76 -4.52
CA ASN D 169 18.50 8.91 -4.93
C ASN D 169 19.95 8.51 -5.20
N VAL D 170 20.17 7.20 -5.29
CA VAL D 170 21.50 6.64 -5.50
C VAL D 170 21.56 5.81 -6.77
N CYS D 171 22.70 5.85 -7.44
CA CYS D 171 22.86 5.18 -8.72
C CYS D 171 24.14 4.34 -8.71
N ALA D 172 24.00 3.06 -9.03
CA ALA D 172 25.14 2.17 -9.11
C ALA D 172 24.73 0.84 -9.72
N HIS D 173 25.50 0.35 -10.69
CA HIS D 173 25.17 -0.91 -11.34
C HIS D 173 26.30 -1.92 -11.18
N ILE D 174 25.92 -3.19 -11.24
CA ILE D 174 26.86 -4.28 -11.40
C ILE D 174 26.47 -4.93 -12.72
N ILE D 175 27.43 -5.06 -13.63
CA ILE D 175 27.17 -5.62 -14.96
C ILE D 175 28.14 -6.74 -15.33
N GLY D 176 27.90 -7.37 -16.48
CA GLY D 176 28.70 -8.49 -16.92
C GLY D 176 28.00 -9.79 -16.59
N GLU D 177 28.73 -10.88 -16.70
CA GLU D 177 28.21 -12.20 -16.34
C GLU D 177 27.86 -12.27 -14.85
N HIS D 178 26.82 -13.04 -14.53
CA HIS D 178 26.48 -13.31 -13.14
C HIS D 178 27.50 -14.31 -12.62
N GLY D 179 28.51 -13.81 -11.91
CA GLY D 179 29.60 -14.63 -11.46
C GLY D 179 30.85 -13.85 -11.09
N ASP D 180 31.98 -14.53 -11.13
CA ASP D 180 33.26 -13.93 -10.72
C ASP D 180 33.70 -12.83 -11.67
N THR D 181 33.29 -12.92 -12.93
CA THR D 181 33.71 -11.94 -13.92
C THR D 181 32.79 -10.72 -13.96
N GLU D 182 31.85 -10.64 -13.02
CA GLU D 182 30.98 -9.47 -12.95
C GLU D 182 31.76 -8.30 -12.37
N LEU D 183 31.31 -7.09 -12.67
CA LEU D 183 32.12 -5.91 -12.37
C LEU D 183 31.27 -4.71 -12.01
N PRO D 184 31.80 -3.82 -11.16
CA PRO D 184 31.11 -2.58 -10.77
C PRO D 184 31.34 -1.49 -11.78
N VAL D 185 30.33 -0.65 -12.02
CA VAL D 185 30.48 0.46 -12.94
C VAL D 185 30.73 1.74 -12.16
N TRP D 186 31.91 1.80 -11.56
CA TRP D 186 32.29 2.95 -10.73
C TRP D 186 32.16 4.29 -11.44
N SER D 187 32.46 4.32 -12.73
CA SER D 187 32.48 5.58 -13.48
C SER D 187 31.15 6.33 -13.49
N HIS D 188 30.05 5.63 -13.25
CA HIS D 188 28.75 6.26 -13.30
C HIS D 188 27.96 6.17 -11.99
N ALA D 189 28.56 5.53 -10.99
CA ALA D 189 28.01 5.51 -9.64
C ALA D 189 27.92 6.92 -9.07
N ASN D 190 26.70 7.39 -8.82
CA ASN D 190 26.48 8.74 -8.32
C ASN D 190 25.43 8.84 -7.21
N VAL D 191 25.55 9.86 -6.38
CA VAL D 191 24.66 10.06 -5.24
C VAL D 191 23.97 11.43 -5.32
N GLY D 192 22.67 11.42 -5.62
CA GLY D 192 21.93 12.66 -5.76
C GLY D 192 22.36 13.46 -6.97
N GLY D 193 23.10 12.83 -7.86
CA GLY D 193 23.67 13.50 -9.01
C GLY D 193 25.19 13.60 -8.91
N VAL D 194 25.72 13.51 -7.69
CA VAL D 194 27.15 13.67 -7.42
C VAL D 194 27.93 12.37 -7.54
N PRO D 195 28.81 12.27 -8.55
CA PRO D 195 29.59 11.05 -8.79
C PRO D 195 30.43 10.63 -7.59
N VAL D 196 30.57 9.31 -7.41
CA VAL D 196 31.25 8.73 -6.28
C VAL D 196 32.70 9.22 -6.15
N SER D 197 33.44 9.21 -7.26
CA SER D 197 34.81 9.69 -7.28
C SER D 197 34.94 11.08 -6.64
N GLU D 198 34.02 11.97 -6.98
CA GLU D 198 34.04 13.32 -6.40
C GLU D 198 33.98 13.29 -4.88
N LEU D 199 33.10 12.45 -4.33
CA LEU D 199 32.92 12.36 -2.88
C LEU D 199 34.10 11.67 -2.19
N VAL D 200 34.80 10.81 -2.93
CA VAL D 200 35.90 10.02 -2.36
C VAL D 200 37.09 10.84 -1.88
N GLU D 201 37.54 11.78 -2.69
CA GLU D 201 38.72 12.57 -2.32
C GLU D 201 38.34 13.92 -1.69
N LYS D 202 37.10 14.35 -1.89
CA LYS D 202 36.63 15.63 -1.34
C LYS D 202 36.26 15.52 0.15
N ASN D 203 36.21 14.29 0.65
CA ASN D 203 35.99 14.04 2.08
C ASN D 203 36.76 12.81 2.53
N ASP D 204 37.16 12.78 3.79
CA ASP D 204 37.98 11.66 4.26
C ASP D 204 38.14 11.65 5.78
N TYR D 206 35.00 9.38 3.59
CA TYR D 206 34.75 8.44 2.52
C TYR D 206 36.05 7.95 1.88
N LYS D 207 36.41 6.71 2.16
CA LYS D 207 37.72 6.17 1.78
C LYS D 207 37.60 5.20 0.61
N GLN D 208 38.64 5.13 -0.21
CA GLN D 208 38.60 4.37 -1.46
C GLN D 208 38.44 2.86 -1.31
N GLU D 209 39.29 2.23 -0.50
CA GLU D 209 39.23 0.79 -0.34
C GLU D 209 38.05 0.36 0.53
N GLU D 210 37.37 1.35 1.11
CA GLU D 210 36.14 1.13 1.86
C GLU D 210 34.99 0.85 0.89
N LEU D 211 34.78 1.77 -0.04
CA LEU D 211 33.83 1.57 -1.12
C LEU D 211 34.22 0.31 -1.89
N ASP D 212 35.52 0.02 -1.90
CA ASP D 212 36.02 -1.16 -2.58
C ASP D 212 35.56 -2.47 -1.93
N GLN D 213 35.67 -2.56 -0.61
CA GLN D 213 35.30 -3.78 0.10
C GLN D 213 33.81 -4.09 -0.08
N ILE D 214 33.01 -3.05 -0.30
CA ILE D 214 31.59 -3.22 -0.58
C ILE D 214 31.37 -4.06 -1.84
N VAL D 215 32.21 -3.88 -2.85
CA VAL D 215 32.13 -4.63 -4.09
C VAL D 215 32.56 -6.08 -3.87
N ASP D 216 33.40 -6.28 -2.86
CA ASP D 216 33.87 -7.62 -2.53
C ASP D 216 32.80 -8.42 -1.80
N ASP D 217 32.08 -7.75 -0.90
CA ASP D 217 31.01 -8.41 -0.17
C ASP D 217 29.91 -8.85 -1.12
N VAL D 218 29.55 -7.97 -2.04
CA VAL D 218 28.55 -8.28 -3.05
C VAL D 218 28.87 -9.56 -3.80
N LYS D 219 30.08 -9.65 -4.35
CA LYS D 219 30.45 -10.77 -5.21
C LYS D 219 30.47 -12.11 -4.48
N ASN D 220 30.75 -12.08 -3.19
CA ASN D 220 30.88 -13.31 -2.41
C ASN D 220 29.68 -13.59 -1.50
N ALA D 221 28.71 -12.68 -1.50
CA ALA D 221 27.51 -12.87 -0.69
C ALA D 221 26.92 -14.28 -0.81
N ALA D 222 26.71 -14.72 -2.04
CA ALA D 222 26.06 -16.01 -2.27
C ALA D 222 26.90 -17.20 -1.81
N TYR D 223 28.20 -17.16 -2.05
CA TYR D 223 29.08 -18.23 -1.60
C TYR D 223 28.98 -18.38 -0.07
N HIS D 224 28.99 -17.26 0.63
CA HIS D 224 28.94 -17.30 2.09
C HIS D 224 27.62 -17.87 2.62
N ILE D 225 26.52 -17.51 1.99
CA ILE D 225 25.24 -18.09 2.36
C ILE D 225 25.29 -19.59 2.18
N ILE D 226 25.82 -20.03 1.04
CA ILE D 226 25.87 -21.45 0.72
C ILE D 226 26.75 -22.21 1.71
N GLU D 227 27.90 -21.63 2.02
CA GLU D 227 28.78 -22.17 3.06
C GLU D 227 28.03 -22.53 4.35
N LYS D 228 27.04 -21.70 4.72
CA LYS D 228 26.33 -21.90 5.99
C LYS D 228 25.09 -22.79 5.95
N LYS D 229 24.23 -22.63 4.95
CA LYS D 229 23.01 -23.41 4.92
C LYS D 229 22.79 -24.25 3.65
N GLY D 230 23.72 -24.21 2.71
CA GLY D 230 23.68 -25.12 1.57
C GLY D 230 23.11 -24.58 0.26
N ALA D 231 22.33 -23.50 0.33
CA ALA D 231 21.75 -22.89 -0.86
C ALA D 231 21.23 -21.50 -0.52
N THR D 232 21.16 -20.62 -1.52
CA THR D 232 20.49 -19.34 -1.35
C THR D 232 19.13 -19.40 -2.02
N TYR D 233 18.10 -18.86 -1.38
CA TYR D 233 16.82 -18.80 -2.05
C TYR D 233 15.98 -17.57 -1.77
N TYR D 234 16.10 -17.00 -0.58
CA TYR D 234 15.27 -15.84 -0.26
C TYR D 234 15.61 -14.62 -1.13
N GLY D 235 16.89 -14.31 -1.24
CA GLY D 235 17.34 -13.16 -2.00
C GLY D 235 17.01 -13.33 -3.48
N VAL D 236 17.29 -14.52 -4.01
CA VAL D 236 16.95 -14.87 -5.39
C VAL D 236 15.46 -14.65 -5.67
N ALA D 237 14.63 -15.26 -4.83
CA ALA D 237 13.18 -15.16 -4.94
C ALA D 237 12.73 -13.72 -5.00
N MET D 238 13.34 -12.88 -4.15
CA MET D 238 12.99 -11.45 -4.11
C MET D 238 13.34 -10.73 -5.42
N SER D 239 14.46 -11.10 -6.02
CA SER D 239 14.88 -10.45 -7.26
C SER D 239 13.95 -10.87 -8.39
N LEU D 240 13.61 -12.15 -8.42
CA LEU D 240 12.65 -12.65 -9.39
C LEU D 240 11.30 -11.95 -9.29
N ALA D 241 10.80 -11.79 -8.06
CA ALA D 241 9.49 -11.15 -7.86
C ALA D 241 9.54 -9.71 -8.28
N ARG D 242 10.68 -9.06 -8.06
CA ARG D 242 10.87 -7.69 -8.48
C ARG D 242 10.84 -7.55 -10.01
N ILE D 243 11.48 -8.47 -10.73
CA ILE D 243 11.48 -8.42 -12.18
C ILE D 243 10.08 -8.71 -12.72
N THR D 244 9.45 -9.74 -12.16
CA THR D 244 8.06 -10.08 -12.47
C THR D 244 7.12 -8.90 -12.30
N LYS D 245 7.42 -8.07 -11.30
CA LYS D 245 6.63 -6.89 -11.00
C LYS D 245 6.83 -5.78 -12.04
N ALA D 246 8.05 -5.61 -12.50
CA ALA D 246 8.34 -4.61 -13.53
C ALA D 246 7.62 -4.99 -14.82
N ILE D 247 7.48 -6.27 -15.08
CA ILE D 247 6.85 -6.72 -16.30
C ILE D 247 5.34 -6.59 -16.21
N LEU D 248 4.74 -7.31 -15.26
CA LEU D 248 3.30 -7.30 -15.11
C LEU D 248 2.71 -5.92 -14.92
N HIS D 249 3.49 -4.97 -14.42
CA HIS D 249 2.94 -3.65 -14.14
C HIS D 249 3.53 -2.56 -14.99
N ASN D 250 4.16 -2.98 -16.09
CA ASN D 250 4.62 -2.06 -17.13
C ASN D 250 5.38 -0.88 -16.53
N GLU D 251 6.37 -1.18 -15.68
CA GLU D 251 7.08 -0.14 -14.93
C GLU D 251 8.08 0.69 -15.72
N ASN D 252 8.69 0.11 -16.74
CA ASN D 252 9.82 0.74 -17.40
C ASN D 252 10.98 0.96 -16.42
N SER D 253 11.13 0.03 -15.50
CA SER D 253 12.20 0.05 -14.51
C SER D 253 13.52 -0.35 -15.15
N ILE D 254 14.59 0.31 -14.75
CA ILE D 254 15.91 -0.09 -15.23
C ILE D 254 16.52 -1.15 -14.31
N LEU D 255 16.70 -2.35 -14.85
CA LEU D 255 17.26 -3.46 -14.10
C LEU D 255 18.39 -4.14 -14.89
N THR D 256 19.46 -4.52 -14.20
CA THR D 256 20.54 -5.23 -14.87
C THR D 256 20.21 -6.70 -15.08
N VAL D 257 19.13 -6.95 -15.81
CA VAL D 257 18.77 -8.30 -16.20
C VAL D 257 19.68 -8.86 -17.31
N SER D 258 19.69 -10.18 -17.45
CA SER D 258 20.37 -10.86 -18.55
C SER D 258 19.71 -10.46 -19.87
N THR D 259 20.49 -9.82 -20.74
CA THR D 259 19.95 -9.22 -21.97
C THR D 259 20.77 -9.61 -23.21
N TYR D 260 20.12 -9.77 -24.35
CA TYR D 260 20.85 -10.08 -25.58
C TYR D 260 21.52 -8.85 -26.15
N LEU D 261 22.84 -8.91 -26.30
CA LEU D 261 23.59 -7.80 -26.92
C LEU D 261 23.98 -8.09 -28.36
N ASP D 262 24.00 -7.05 -29.18
CA ASP D 262 24.59 -7.14 -30.52
C ASP D 262 25.33 -5.85 -30.88
N GLY D 263 26.52 -5.69 -30.31
CA GLY D 263 27.35 -4.52 -30.53
C GLY D 263 27.31 -3.50 -29.41
N GLN D 264 26.23 -3.53 -28.62
CA GLN D 264 25.98 -2.49 -27.60
C GLN D 264 27.17 -2.17 -26.69
N TYR D 265 27.89 -3.18 -26.23
CA TYR D 265 29.04 -2.92 -25.38
C TYR D 265 30.29 -3.60 -25.94
N GLY D 266 30.48 -3.49 -27.25
CA GLY D 266 31.59 -4.17 -27.89
C GLY D 266 31.35 -5.66 -27.85
N ALA D 267 30.11 -6.03 -27.51
CA ALA D 267 29.74 -7.42 -27.41
C ALA D 267 28.59 -7.68 -28.36
N ASP D 268 28.54 -8.89 -28.89
CA ASP D 268 27.54 -9.25 -29.86
C ASP D 268 27.21 -10.72 -29.69
N ASP D 269 25.96 -11.08 -29.92
CA ASP D 269 25.53 -12.47 -29.84
C ASP D 269 25.85 -13.09 -28.49
N VAL D 270 25.33 -12.49 -27.43
CA VAL D 270 25.55 -13.00 -26.08
C VAL D 270 24.53 -12.41 -25.10
N TYR D 271 24.04 -13.25 -24.19
CA TYR D 271 23.20 -12.77 -23.09
C TYR D 271 24.08 -12.43 -21.91
N ILE D 272 23.94 -11.21 -21.41
CA ILE D 272 24.79 -10.75 -20.33
C ILE D 272 24.10 -9.65 -19.53
N GLY D 273 24.60 -9.40 -18.33
CA GLY D 273 23.99 -8.43 -17.44
C GLY D 273 24.31 -6.99 -17.75
N VAL D 274 23.30 -6.23 -18.15
CA VAL D 274 23.43 -4.81 -18.37
C VAL D 274 22.14 -4.13 -17.96
N PRO D 275 22.21 -2.83 -17.65
CA PRO D 275 20.97 -2.12 -17.35
C PRO D 275 20.05 -2.08 -18.57
N ALA D 276 18.86 -2.64 -18.42
CA ALA D 276 17.85 -2.64 -19.47
C ALA D 276 16.54 -2.11 -18.92
N VAL D 277 15.78 -1.41 -19.76
CA VAL D 277 14.46 -0.95 -19.37
C VAL D 277 13.49 -2.12 -19.47
N VAL D 278 12.72 -2.36 -18.40
CA VAL D 278 11.80 -3.51 -18.37
C VAL D 278 10.35 -3.06 -18.24
N ASN D 279 9.51 -3.54 -19.14
CA ASN D 279 8.08 -3.25 -19.09
C ASN D 279 7.27 -4.47 -19.51
N ARG D 280 5.98 -4.28 -19.76
CA ARG D 280 5.09 -5.39 -20.06
C ARG D 280 5.46 -6.11 -21.36
N GLY D 281 6.20 -5.42 -22.23
CA GLY D 281 6.67 -6.03 -23.45
C GLY D 281 7.99 -6.78 -23.22
N GLY D 282 8.58 -6.61 -22.04
CA GLY D 282 9.87 -7.22 -21.76
C GLY D 282 10.94 -6.16 -21.87
N ILE D 283 12.06 -6.49 -22.51
CA ILE D 283 13.13 -5.52 -22.68
C ILE D 283 12.72 -4.42 -23.66
N ALA D 284 12.76 -3.18 -23.20
CA ALA D 284 12.27 -2.06 -23.99
C ALA D 284 13.39 -1.14 -24.46
N GLY D 285 14.60 -1.41 -23.99
CA GLY D 285 15.74 -0.57 -24.37
C GLY D 285 16.94 -0.92 -23.51
N ILE D 286 18.13 -0.77 -24.08
CA ILE D 286 19.35 -1.08 -23.35
C ILE D 286 20.09 0.20 -23.01
N THR D 287 20.23 0.46 -21.71
CA THR D 287 20.96 1.63 -21.23
C THR D 287 22.44 1.48 -21.60
N GLU D 288 22.98 2.47 -22.29
CA GLU D 288 24.37 2.42 -22.75
C GLU D 288 25.27 3.36 -21.97
N LEU D 289 25.95 2.81 -20.97
CA LEU D 289 26.86 3.60 -20.15
C LEU D 289 28.20 3.80 -20.88
N ASN D 290 28.73 5.01 -20.79
CA ASN D 290 30.04 5.31 -21.34
C ASN D 290 31.14 4.70 -20.48
N LEU D 291 31.38 3.40 -20.62
CA LEU D 291 32.36 2.72 -19.79
C LEU D 291 33.76 3.32 -19.95
N ASN D 292 34.49 3.45 -18.85
CA ASN D 292 35.87 3.87 -18.95
C ASN D 292 36.77 2.70 -19.37
N GLU D 293 38.07 2.95 -19.47
CA GLU D 293 38.98 1.96 -20.05
C GLU D 293 39.03 0.66 -19.25
N LYS D 294 39.18 0.77 -17.94
CA LYS D 294 39.17 -0.40 -17.06
C LYS D 294 37.91 -1.23 -17.28
N GLU D 295 36.75 -0.58 -17.14
CA GLU D 295 35.46 -1.26 -17.24
C GLU D 295 35.26 -1.94 -18.60
N LYS D 296 35.66 -1.25 -19.66
CA LYS D 296 35.49 -1.75 -21.01
C LYS D 296 36.19 -3.10 -21.19
N GLU D 297 37.37 -3.24 -20.60
CA GLU D 297 38.13 -4.50 -20.69
C GLU D 297 37.57 -5.60 -19.80
N GLN D 298 37.22 -5.24 -18.56
CA GLN D 298 36.57 -6.18 -17.66
C GLN D 298 35.34 -6.79 -18.33
N PHE D 299 34.56 -5.95 -19.00
CA PHE D 299 33.31 -6.38 -19.61
C PHE D 299 33.50 -7.37 -20.75
N LEU D 300 34.32 -6.97 -21.73
CA LEU D 300 34.58 -7.81 -22.89
C LEU D 300 35.20 -9.14 -22.49
N HIS D 301 36.05 -9.12 -21.47
CA HIS D 301 36.60 -10.34 -20.91
C HIS D 301 35.49 -11.23 -20.35
N SER D 302 34.48 -10.60 -19.77
CA SER D 302 33.32 -11.31 -19.23
C SER D 302 32.46 -11.89 -20.35
N ALA D 303 32.25 -11.08 -21.40
CA ALA D 303 31.47 -11.56 -22.53
C ALA D 303 32.21 -12.70 -23.24
N GLY D 304 33.53 -12.58 -23.32
CA GLY D 304 34.35 -13.62 -23.92
C GLY D 304 34.25 -14.94 -23.18
N VAL D 305 34.38 -14.89 -21.86
CA VAL D 305 34.25 -16.09 -21.05
C VAL D 305 32.95 -16.82 -21.41
N LEU D 306 31.86 -16.08 -21.46
CA LEU D 306 30.53 -16.62 -21.74
C LEU D 306 30.43 -17.19 -23.16
N LYS D 307 30.66 -16.31 -24.14
CA LYS D 307 30.60 -16.70 -25.55
C LYS D 307 31.44 -17.94 -25.82
N ASN D 308 32.53 -18.08 -25.05
CA ASN D 308 33.40 -19.24 -25.17
C ASN D 308 32.69 -20.52 -24.75
N ILE D 309 31.97 -20.48 -23.64
CA ILE D 309 31.26 -21.64 -23.13
C ILE D 309 30.05 -21.99 -23.99
N LEU D 310 29.57 -21.01 -24.75
CA LEU D 310 28.40 -21.22 -25.62
C LEU D 310 28.75 -22.04 -26.87
N LYS D 311 29.85 -21.68 -27.52
CA LYS D 311 30.29 -22.31 -28.78
C LYS D 311 30.07 -23.83 -28.87
N PRO D 312 30.67 -24.59 -27.94
CA PRO D 312 30.57 -26.06 -27.98
C PRO D 312 29.15 -26.58 -28.12
N HIS D 313 28.16 -25.78 -27.71
CA HIS D 313 26.77 -26.23 -27.68
C HIS D 313 25.90 -25.58 -28.75
N PHE D 314 26.43 -24.56 -29.42
CA PHE D 314 25.70 -23.89 -30.49
C PHE D 314 26.62 -23.56 -31.67
#